data_8A2N
#
_entry.id   8A2N
#
_cell.length_a   46.480
_cell.length_b   102.060
_cell.length_c   150.760
_cell.angle_alpha   90.000
_cell.angle_beta   90.000
_cell.angle_gamma   90.000
#
_symmetry.space_group_name_H-M   'P 21 21 21'
#
loop_
_entity.id
_entity.type
_entity.pdbx_description
1 polymer CgnD
2 non-polymer 'SULFATE ION'
3 water water
#
_entity_poly.entity_id   1
_entity_poly.type   'polypeptide(L)'
_entity_poly.pdbx_seq_one_letter_code
;GAMASTTLETRDELTPQM(MLY)EYDRAGRVWVPYLNYFHRPNHRSPVVNTDSRGFRFVVG(MLY)DGRTFSEFEREPGE
RVRALVGGSTVFGVGATGDAATLPSLLSQRGPARWLNFGGRAFSSTQELMLFLFHARSLGALE(MLY)VTLLSGVNNLLL
FYLSRDYA(MLY)DYGSFFATEVRRAFAGDAPSPAKSGVIGRLKSIAGGRRAKVEAPEPEIVLPIVDHDAQ(MLY)TDLL
HAIERDLSTW(MLY)LLSGALQFELCYVLQPLAGWVRK(MLY)PSPEETRLFADLDDQQGEAWRQILRE(MLY)MDLAQY
AWFS(MLY)SLADICRTQEIPFLDMNATLSALDLDGRWIFVDRVHLTDEGNEVLTQALVEGGAT
;
_entity_poly.pdbx_strand_id   B,A
#
loop_
_chem_comp.id
_chem_comp.type
_chem_comp.name
_chem_comp.formula
SO4 non-polymer 'SULFATE ION' 'O4 S -2'
#
# COMPACT_ATOMS: atom_id res chain seq x y z
N MET A 3 -48.82 -24.08 5.23
CA MET A 3 -48.01 -22.84 4.98
C MET A 3 -48.26 -22.27 3.58
N ALA A 4 -48.43 -20.96 3.49
CA ALA A 4 -48.66 -20.32 2.21
C ALA A 4 -47.42 -20.40 1.34
N SER A 5 -47.64 -20.52 0.04
CA SER A 5 -46.54 -20.67 -0.90
C SER A 5 -45.51 -19.55 -0.71
N THR A 6 -44.25 -19.90 -0.83
CA THR A 6 -43.19 -18.92 -0.75
C THR A 6 -42.96 -18.33 -2.13
N THR A 7 -42.62 -17.04 -2.17
CA THR A 7 -42.29 -16.34 -3.40
C THR A 7 -40.84 -15.90 -3.31
N LEU A 8 -40.29 -15.49 -4.46
CA LEU A 8 -38.95 -14.95 -4.47
C LEU A 8 -38.87 -13.67 -3.64
N GLU A 9 -37.80 -13.53 -2.85
CA GLU A 9 -37.52 -12.25 -2.23
C GLU A 9 -37.56 -11.14 -3.28
N THR A 10 -37.90 -9.93 -2.84
CA THR A 10 -37.89 -8.79 -3.76
C THR A 10 -36.53 -8.65 -4.45
N ARG A 11 -35.45 -8.95 -3.72
CA ARG A 11 -34.11 -8.87 -4.32
C ARG A 11 -33.94 -9.88 -5.45
N ASP A 12 -34.38 -11.13 -5.23
CA ASP A 12 -34.18 -12.16 -6.24
C ASP A 12 -35.15 -12.00 -7.40
N GLU A 13 -36.36 -11.51 -7.14
CA GLU A 13 -37.34 -11.27 -8.20
C GLU A 13 -36.90 -10.14 -9.12
N LEU A 14 -36.56 -8.99 -8.56
CA LEU A 14 -36.26 -7.81 -9.35
C LEU A 14 -34.81 -7.70 -9.78
N THR A 15 -33.89 -8.22 -8.98
CA THR A 15 -32.46 -8.11 -9.25
C THR A 15 -31.81 -9.47 -9.06
N PRO A 16 -32.18 -10.45 -9.90
CA PRO A 16 -31.62 -11.82 -9.73
C PRO A 16 -30.12 -11.87 -9.89
N GLN A 17 -29.52 -10.92 -10.59
CA GLN A 17 -28.07 -10.93 -10.76
C GLN A 17 -27.32 -10.75 -9.45
N MET A 18 -27.98 -10.29 -8.38
CA MET A 18 -27.29 -10.06 -7.12
C MET A 18 -26.87 -11.39 -6.48
N MLY A 19 -27.61 -12.45 -6.78
CA MLY A 19 -27.21 -13.79 -6.34
CB MLY A 19 -28.09 -14.91 -6.87
CG MLY A 19 -29.32 -15.17 -6.16
CD MLY A 19 -30.45 -15.70 -6.94
CE MLY A 19 -31.39 -16.69 -6.38
NZ MLY A 19 -30.87 -18.04 -6.51
CH1 MLY A 19 -31.22 -18.86 -5.33
CH2 MLY A 19 -31.60 -18.59 -7.67
C MLY A 19 -25.77 -14.07 -6.78
O MLY A 19 -24.99 -14.65 -6.00
H MLY A 19 -28.34 -12.43 -7.22
HA MLY A 19 -27.29 -13.80 -5.37
HB2 MLY A 19 -27.57 -15.73 -6.86
HB3 MLY A 19 -28.33 -14.70 -7.79
HG2 MLY A 19 -29.61 -14.35 -5.75
HG3 MLY A 19 -29.13 -15.83 -5.45
HD2 MLY A 19 -30.08 -16.11 -7.73
HD3 MLY A 19 -31.00 -14.94 -7.19
HE2 MLY A 19 -32.24 -16.64 -6.85
HE3 MLY A 19 -31.54 -16.51 -5.43
HH11 MLY A 19 -30.91 -19.89 -5.51
HH12 MLY A 19 -32.29 -18.82 -5.16
HH13 MLY A 19 -30.68 -18.47 -4.46
HH21 MLY A 19 -31.29 -19.61 -7.84
HH22 MLY A 19 -31.37 -17.99 -8.55
HH23 MLY A 19 -32.67 -18.55 -7.47
N GLU A 20 -25.46 -13.77 -8.04
CA GLU A 20 -24.13 -14.05 -8.58
C GLU A 20 -23.05 -13.20 -7.92
N TYR A 21 -23.40 -11.96 -7.57
CA TYR A 21 -22.41 -11.12 -6.89
C TYR A 21 -22.17 -11.61 -5.46
N ASP A 22 -23.17 -12.22 -4.83
CA ASP A 22 -22.96 -12.82 -3.52
C ASP A 22 -22.01 -14.00 -3.60
N ARG A 23 -22.08 -14.78 -4.68
CA ARG A 23 -21.26 -15.97 -4.86
C ARG A 23 -19.90 -15.68 -5.49
N ALA A 24 -19.70 -14.48 -6.04
CA ALA A 24 -18.49 -14.25 -6.83
C ALA A 24 -17.25 -14.46 -5.98
N GLY A 25 -17.31 -14.02 -4.72
CA GLY A 25 -16.27 -14.40 -3.79
C GLY A 25 -15.24 -13.31 -3.55
N ARG A 26 -14.56 -13.45 -2.42
CA ARG A 26 -13.62 -12.49 -1.87
C ARG A 26 -12.55 -13.30 -1.13
N VAL A 27 -11.29 -12.99 -1.39
CA VAL A 27 -10.13 -13.69 -0.83
C VAL A 27 -9.24 -12.69 -0.12
N TRP A 28 -8.46 -13.20 0.82
CA TRP A 28 -7.48 -12.41 1.56
C TRP A 28 -6.24 -12.19 0.70
N VAL A 29 -5.68 -11.01 0.77
CA VAL A 29 -4.49 -10.62 0.04
C VAL A 29 -3.66 -9.75 0.98
N PRO A 30 -2.35 -9.93 1.07
CA PRO A 30 -1.55 -9.08 1.95
C PRO A 30 -1.53 -7.64 1.50
N TYR A 31 -1.55 -6.74 2.48
CA TYR A 31 -1.48 -5.29 2.30
C TYR A 31 -2.81 -4.75 1.85
N LEU A 32 -3.32 -5.24 0.70
CA LEU A 32 -4.67 -4.86 0.30
C LEU A 32 -5.72 -5.40 1.28
N ASN A 33 -5.41 -6.51 1.96
CA ASN A 33 -6.30 -7.21 2.86
C ASN A 33 -7.30 -8.10 2.14
N TYR A 34 -7.87 -7.64 1.03
CA TYR A 34 -8.80 -8.50 0.30
C TYR A 34 -8.97 -7.98 -1.13
N PHE A 35 -9.35 -8.90 -2.00
CA PHE A 35 -9.67 -8.62 -3.38
C PHE A 35 -10.66 -9.68 -3.81
N HIS A 36 -11.01 -9.68 -5.09
CA HIS A 36 -11.98 -10.64 -5.62
C HIS A 36 -11.35 -12.01 -5.86
N ARG A 37 -12.13 -13.04 -5.66
CA ARG A 37 -11.69 -14.39 -5.98
C ARG A 37 -11.34 -14.45 -7.46
N PRO A 38 -10.19 -15.00 -7.83
CA PRO A 38 -9.79 -15.00 -9.23
C PRO A 38 -10.42 -16.13 -10.03
N ASN A 39 -10.45 -15.92 -11.35
CA ASN A 39 -10.93 -16.95 -12.32
C ASN A 39 -12.40 -17.34 -12.09
N HIS A 40 -13.20 -16.43 -11.52
CA HIS A 40 -14.60 -16.71 -11.33
C HIS A 40 -15.32 -16.66 -12.69
N ARG A 41 -16.22 -17.61 -12.90
CA ARG A 41 -16.99 -17.68 -14.14
C ARG A 41 -18.48 -17.70 -13.81
N SER A 42 -19.23 -16.82 -14.46
CA SER A 42 -20.68 -16.83 -14.41
C SER A 42 -21.21 -15.95 -15.55
N PRO A 43 -22.48 -16.13 -15.94
CA PRO A 43 -23.06 -15.21 -16.94
C PRO A 43 -23.04 -13.77 -16.51
N VAL A 44 -22.99 -13.49 -15.21
CA VAL A 44 -23.13 -12.12 -14.72
C VAL A 44 -21.78 -11.47 -14.53
N VAL A 45 -20.81 -12.21 -14.00
CA VAL A 45 -19.54 -11.62 -13.57
C VAL A 45 -18.43 -12.63 -13.76
N ASN A 46 -17.31 -12.15 -14.31
CA ASN A 46 -16.12 -12.96 -14.55
C ASN A 46 -14.89 -12.17 -14.13
N THR A 47 -13.95 -12.85 -13.48
CA THR A 47 -12.68 -12.25 -13.08
C THR A 47 -11.51 -13.05 -13.65
N ASP A 48 -10.41 -12.35 -13.93
CA ASP A 48 -9.23 -12.95 -14.51
C ASP A 48 -8.34 -13.51 -13.39
N SER A 49 -7.12 -13.90 -13.74
CA SER A 49 -6.26 -14.63 -12.81
C SER A 49 -5.84 -13.78 -11.63
N ARG A 50 -6.01 -12.46 -11.71
CA ARG A 50 -5.65 -11.56 -10.62
C ARG A 50 -6.86 -11.02 -9.89
N GLY A 51 -8.07 -11.41 -10.29
CA GLY A 51 -9.28 -10.96 -9.67
C GLY A 51 -9.94 -9.79 -10.34
N PHE A 52 -9.29 -9.20 -11.35
CA PHE A 52 -9.86 -8.06 -12.05
C PHE A 52 -11.00 -8.52 -12.92
N ARG A 53 -12.06 -7.70 -12.95
CA ARG A 53 -13.22 -8.03 -13.76
C ARG A 53 -12.90 -7.90 -15.24
N PHE A 54 -13.53 -8.78 -16.03
CA PHE A 54 -13.42 -8.68 -17.49
C PHE A 54 -14.07 -7.39 -17.98
N VAL A 55 -13.52 -6.85 -19.07
CA VAL A 55 -14.10 -5.74 -19.79
C VAL A 55 -14.47 -6.21 -21.19
N VAL A 56 -15.66 -5.80 -21.67
CA VAL A 56 -16.10 -6.10 -23.02
C VAL A 56 -15.98 -4.85 -23.86
N GLY A 57 -15.12 -4.88 -24.86
CA GLY A 57 -14.96 -3.77 -25.77
C GLY A 57 -15.91 -3.88 -26.94
N MLY A 58 -15.60 -3.16 -28.04
CA MLY A 58 -16.49 -3.21 -29.20
CB MLY A 58 -16.30 -2.08 -30.19
CG MLY A 58 -17.18 -0.90 -30.16
CD MLY A 58 -17.86 -0.68 -31.46
CE MLY A 58 -19.33 -0.63 -31.44
NZ MLY A 58 -20.16 0.56 -31.11
CH1 MLY A 58 -20.02 0.71 -29.67
CH2 MLY A 58 -19.69 1.78 -31.78
C MLY A 58 -16.33 -4.51 -29.98
O MLY A 58 -15.25 -5.11 -29.90
H MLY A 58 -14.90 -2.65 -28.12
HA MLY A 58 -17.39 -3.13 -28.81
HB2 MLY A 58 -16.38 -2.45 -31.07
HB3 MLY A 58 -15.40 -1.73 -30.06
HG2 MLY A 58 -16.67 -0.10 -29.95
HG3 MLY A 58 -17.87 -1.02 -29.49
HD2 MLY A 58 -17.61 -1.40 -32.05
HD3 MLY A 58 -17.54 0.17 -31.82
HE2 MLY A 58 -19.61 -1.30 -30.81
HE3 MLY A 58 -19.61 -0.88 -32.33
HH11 MLY A 58 -20.70 1.48 -29.31
HH12 MLY A 58 -18.99 1.01 -29.42
HH13 MLY A 58 -20.25 -0.23 -29.18
HH21 MLY A 58 -20.52 2.48 -31.90
HH22 MLY A 58 -19.29 1.52 -32.76
HH23 MLY A 58 -18.90 2.24 -31.18
N ASP A 59 -17.51 -4.93 -30.43
CA ASP A 59 -17.69 -6.14 -31.23
C ASP A 59 -17.76 -7.34 -30.29
N GLY A 60 -18.07 -7.05 -29.01
CA GLY A 60 -18.15 -8.11 -28.03
C GLY A 60 -16.82 -8.69 -27.63
N ARG A 61 -15.71 -8.01 -27.95
CA ARG A 61 -14.39 -8.53 -27.65
C ARG A 61 -14.09 -8.33 -26.17
N THR A 62 -13.59 -9.38 -25.51
CA THR A 62 -13.34 -9.36 -24.07
C THR A 62 -11.86 -9.13 -23.80
N PHE A 63 -11.56 -8.35 -22.76
CA PHE A 63 -10.20 -7.98 -22.42
C PHE A 63 -9.96 -8.31 -20.96
N SER A 64 -8.78 -8.85 -20.68
CA SER A 64 -8.40 -9.25 -19.32
C SER A 64 -6.92 -9.60 -19.27
N GLU A 65 -6.45 -9.89 -18.07
CA GLU A 65 -5.06 -10.29 -17.85
C GLU A 65 -4.08 -9.17 -18.20
N PHE A 66 -4.53 -7.92 -18.16
CA PHE A 66 -3.71 -6.78 -18.55
C PHE A 66 -3.18 -6.91 -19.98
N GLU A 67 -3.87 -7.70 -20.79
CA GLU A 67 -3.45 -7.89 -22.17
C GLU A 67 -3.58 -6.60 -22.95
N ARG A 68 -2.64 -6.40 -23.87
CA ARG A 68 -2.53 -5.15 -24.61
C ARG A 68 -1.85 -5.46 -25.93
N GLU A 69 -2.25 -4.75 -26.97
CA GLU A 69 -1.67 -4.88 -28.29
C GLU A 69 -0.98 -3.58 -28.65
N PRO A 70 -0.09 -3.59 -29.64
CA PRO A 70 0.63 -2.36 -29.98
C PRO A 70 -0.31 -1.31 -30.53
N GLY A 71 -0.12 -0.07 -30.08
CA GLY A 71 -0.92 1.04 -30.54
C GLY A 71 -2.18 1.32 -29.74
N GLU A 72 -2.62 0.39 -28.88
CA GLU A 72 -3.87 0.61 -28.15
C GLU A 72 -3.78 1.83 -27.23
N ARG A 73 -4.85 2.60 -27.20
CA ARG A 73 -5.03 3.64 -26.20
C ARG A 73 -5.78 3.05 -25.02
N VAL A 74 -5.22 3.21 -23.82
CA VAL A 74 -5.75 2.58 -22.62
C VAL A 74 -5.89 3.62 -21.53
N ARG A 75 -7.02 3.59 -20.83
CA ARG A 75 -7.30 4.42 -19.68
C ARG A 75 -7.76 3.52 -18.54
N ALA A 76 -7.82 4.08 -17.35
CA ALA A 76 -8.14 3.30 -16.15
C ALA A 76 -9.24 3.98 -15.34
N LEU A 77 -10.24 3.20 -14.98
CA LEU A 77 -11.30 3.62 -14.10
C LEU A 77 -11.03 2.92 -12.76
N VAL A 78 -10.82 3.70 -11.71
CA VAL A 78 -10.40 3.21 -10.42
C VAL A 78 -11.48 3.57 -9.40
N GLY A 79 -11.88 2.60 -8.60
CA GLY A 79 -12.85 2.87 -7.57
C GLY A 79 -13.27 1.66 -6.79
N GLY A 80 -14.47 1.69 -6.27
CA GLY A 80 -15.03 0.62 -5.51
C GLY A 80 -16.00 -0.22 -6.33
N SER A 81 -17.03 -0.74 -5.63
CA SER A 81 -18.02 -1.60 -6.23
C SER A 81 -18.82 -0.94 -7.32
N THR A 82 -18.83 0.40 -7.37
CA THR A 82 -19.52 1.06 -8.47
C THR A 82 -18.71 0.94 -9.75
N VAL A 83 -17.40 0.93 -9.64
CA VAL A 83 -16.54 0.72 -10.78
C VAL A 83 -16.56 -0.75 -11.17
N PHE A 84 -16.42 -1.62 -10.17
CA PHE A 84 -16.47 -3.07 -10.44
C PHE A 84 -17.74 -3.43 -11.17
N GLY A 85 -18.86 -2.82 -10.76
CA GLY A 85 -20.12 -2.99 -11.48
C GLY A 85 -21.09 -3.91 -10.80
N VAL A 86 -21.11 -3.86 -9.47
CA VAL A 86 -22.09 -4.62 -8.69
C VAL A 86 -23.47 -4.06 -8.99
N GLY A 87 -24.38 -4.93 -9.45
CA GLY A 87 -25.70 -4.55 -9.89
C GLY A 87 -25.90 -4.75 -11.38
N ALA A 88 -24.82 -4.82 -12.15
CA ALA A 88 -24.89 -5.04 -13.57
C ALA A 88 -25.33 -6.47 -13.88
N THR A 89 -26.01 -6.64 -15.05
CA THR A 89 -26.41 -7.96 -15.47
C THR A 89 -25.34 -8.74 -16.22
N GLY A 90 -24.24 -8.08 -16.60
CA GLY A 90 -23.13 -8.74 -17.23
C GLY A 90 -21.93 -7.82 -17.29
N ASP A 91 -20.76 -8.41 -17.53
CA ASP A 91 -19.55 -7.61 -17.65
C ASP A 91 -19.74 -6.49 -18.67
N ALA A 92 -20.48 -6.78 -19.75
CA ALA A 92 -20.65 -5.81 -20.83
C ALA A 92 -21.51 -4.62 -20.44
N ALA A 93 -22.22 -4.68 -19.32
CA ALA A 93 -23.08 -3.59 -18.89
C ALA A 93 -22.38 -2.73 -17.79
N THR A 94 -21.08 -2.94 -17.56
CA THR A 94 -20.36 -2.17 -16.59
C THR A 94 -19.78 -0.91 -17.22
N LEU A 95 -19.42 0.04 -16.35
CA LEU A 95 -18.89 1.32 -16.80
C LEU A 95 -17.65 1.18 -17.63
N PRO A 96 -16.64 0.37 -17.25
CA PRO A 96 -15.45 0.27 -18.10
C PRO A 96 -15.78 -0.27 -19.44
N SER A 97 -16.70 -1.25 -19.49
CA SER A 97 -17.15 -1.80 -20.75
C SER A 97 -17.89 -0.76 -21.55
N LEU A 98 -18.78 0.01 -20.92
CA LEU A 98 -19.52 1.02 -21.67
C LEU A 98 -18.57 2.11 -22.21
N LEU A 99 -17.57 2.49 -21.42
CA LEU A 99 -16.63 3.49 -21.89
C LEU A 99 -15.75 2.95 -23.00
N SER A 100 -15.35 1.67 -22.91
CA SER A 100 -14.51 1.07 -23.95
C SER A 100 -15.28 0.96 -25.26
N GLN A 101 -16.57 0.69 -25.19
CA GLN A 101 -17.35 0.58 -26.40
C GLN A 101 -17.47 1.93 -27.11
N ARG A 102 -17.56 3.01 -26.34
CA ARG A 102 -17.70 4.32 -26.94
C ARG A 102 -16.39 4.79 -27.57
N GLY A 103 -15.25 4.46 -26.97
CA GLY A 103 -13.98 4.94 -27.44
C GLY A 103 -13.73 6.36 -26.99
N PRO A 104 -12.54 6.91 -27.33
CA PRO A 104 -11.53 6.30 -28.20
C PRO A 104 -10.65 5.24 -27.54
N ALA A 105 -10.58 5.27 -26.22
CA ALA A 105 -9.70 4.38 -25.49
C ALA A 105 -10.46 3.18 -25.00
N ARG A 106 -9.72 2.11 -24.69
CA ARG A 106 -10.22 1.00 -23.89
C ARG A 106 -9.96 1.32 -22.43
N TRP A 107 -10.83 0.83 -21.56
CA TRP A 107 -10.75 1.14 -20.15
C TRP A 107 -10.53 -0.13 -19.33
N LEU A 108 -9.62 -0.03 -18.38
CA LEU A 108 -9.41 -1.09 -17.41
C LEU A 108 -10.39 -0.93 -16.27
N ASN A 109 -10.86 -2.07 -15.74
CA ASN A 109 -11.69 -2.10 -14.54
C ASN A 109 -10.81 -2.30 -13.33
N PHE A 110 -10.34 -1.20 -12.76
CA PHE A 110 -9.65 -1.19 -11.48
C PHE A 110 -10.62 -0.86 -10.36
N GLY A 111 -11.83 -1.42 -10.42
CA GLY A 111 -12.75 -1.36 -9.30
C GLY A 111 -12.51 -2.53 -8.36
N GLY A 112 -12.35 -2.22 -7.07
CA GLY A 112 -12.28 -3.22 -6.03
C GLY A 112 -13.53 -3.11 -5.19
N ARG A 113 -14.26 -4.22 -5.06
CA ARG A 113 -15.44 -4.23 -4.21
C ARG A 113 -15.07 -3.78 -2.81
N ALA A 114 -15.79 -2.79 -2.30
CA ALA A 114 -15.68 -2.30 -0.94
C ALA A 114 -14.38 -1.57 -0.68
N PHE A 115 -13.62 -1.19 -1.70
CA PHE A 115 -12.34 -0.56 -1.43
C PHE A 115 -12.48 0.85 -0.87
N SER A 116 -11.54 1.19 0.01
CA SER A 116 -11.24 2.54 0.46
C SER A 116 -10.34 3.23 -0.54
N SER A 117 -10.14 4.53 -0.34
CA SER A 117 -9.26 5.27 -1.23
C SER A 117 -7.86 4.67 -1.20
N THR A 118 -7.40 4.26 -0.01
CA THR A 118 -6.05 3.73 0.12
C THR A 118 -5.91 2.40 -0.60
N GLN A 119 -6.89 1.49 -0.45
CA GLN A 119 -6.83 0.24 -1.19
C GLN A 119 -6.81 0.47 -2.70
N GLU A 120 -7.59 1.42 -3.18
CA GLU A 120 -7.60 1.74 -4.61
C GLU A 120 -6.22 2.15 -5.07
N LEU A 121 -5.53 3.02 -4.30
CA LEU A 121 -4.20 3.47 -4.67
C LEU A 121 -3.21 2.31 -4.65
N MET A 122 -3.31 1.44 -3.64
CA MET A 122 -2.36 0.33 -3.53
C MET A 122 -2.55 -0.70 -4.62
N LEU A 123 -3.80 -1.00 -4.95
CA LEU A 123 -4.06 -1.88 -6.07
C LEU A 123 -3.37 -1.37 -7.32
N PHE A 124 -3.44 -0.05 -7.55
CA PHE A 124 -2.77 0.54 -8.72
C PHE A 124 -1.28 0.48 -8.59
N LEU A 125 -0.74 0.80 -7.43
CA LEU A 125 0.72 0.75 -7.27
C LEU A 125 1.24 -0.68 -7.40
N PHE A 126 0.44 -1.68 -7.04
CA PHE A 126 0.89 -3.06 -7.17
C PHE A 126 0.91 -3.53 -8.61
N HIS A 127 0.11 -2.94 -9.48
CA HIS A 127 -0.04 -3.46 -10.84
C HIS A 127 0.34 -2.44 -11.92
N ALA A 128 0.70 -1.22 -11.55
CA ALA A 128 0.88 -0.18 -12.56
C ALA A 128 1.91 -0.60 -13.60
N ARG A 129 3.03 -1.14 -13.16
CA ARG A 129 4.10 -1.52 -14.06
C ARG A 129 3.66 -2.49 -15.15
N SER A 130 2.57 -3.23 -14.94
CA SER A 130 2.10 -4.20 -15.91
C SER A 130 1.08 -3.61 -16.90
N LEU A 131 0.66 -2.38 -16.72
CA LEU A 131 -0.45 -1.86 -17.49
C LEU A 131 -0.05 -1.21 -18.80
N GLY A 132 1.21 -0.78 -18.93
CA GLY A 132 1.61 0.03 -20.04
C GLY A 132 1.22 1.49 -19.78
N ALA A 133 1.36 2.30 -20.83
CA ALA A 133 1.03 3.72 -20.70
C ALA A 133 -0.46 3.92 -20.48
N LEU A 134 -0.80 4.88 -19.64
CA LEU A 134 -2.19 5.27 -19.41
C LEU A 134 -2.36 6.74 -19.77
N GLU A 135 -3.44 7.05 -20.46
CA GLU A 135 -3.72 8.43 -20.86
C GLU A 135 -4.40 9.16 -19.72
N MLY A 136 -5.32 8.48 -19.06
CA MLY A 136 -6.12 9.09 -18.00
CB MLY A 136 -7.39 9.74 -18.55
CG MLY A 136 -8.23 10.51 -17.63
CD MLY A 136 -9.34 11.36 -18.16
CE MLY A 136 -9.49 12.67 -17.47
NZ MLY A 136 -10.28 13.74 -18.09
CH1 MLY A 136 -10.32 14.89 -17.15
CH2 MLY A 136 -9.46 14.17 -19.23
C MLY A 136 -6.58 8.06 -17.02
O MLY A 136 -6.55 6.85 -17.30
H MLY A 136 -5.51 7.65 -19.20
HA MLY A 136 -5.56 9.77 -17.57
HB2 MLY A 136 -7.95 9.04 -18.91
HB3 MLY A 136 -7.13 10.35 -19.26
HG2 MLY A 136 -7.65 11.11 -17.13
HG3 MLY A 136 -8.65 9.88 -17.01
HD2 MLY A 136 -10.18 10.88 -18.06
HD3 MLY A 136 -9.19 11.53 -19.10
HE2 MLY A 136 -8.59 13.03 -17.35
HE3 MLY A 136 -9.89 12.50 -16.60
HH11 MLY A 136 -10.89 15.70 -17.59
HH12 MLY A 136 -9.30 15.22 -16.95
HH13 MLY A 136 -10.79 14.58 -16.22
HH21 MLY A 136 -9.62 15.23 -19.41
HH22 MLY A 136 -9.75 13.61 -20.12
HH23 MLY A 136 -8.41 13.99 -19.02
N VAL A 137 -6.36 8.36 -15.76
CA VAL A 137 -6.96 7.61 -14.67
C VAL A 137 -8.12 8.44 -14.14
N THR A 138 -9.30 7.86 -14.10
CA THR A 138 -10.48 8.46 -13.50
C THR A 138 -10.84 7.73 -12.22
N LEU A 139 -10.94 8.48 -11.12
CA LEU A 139 -11.26 7.95 -9.80
C LEU A 139 -12.73 8.21 -9.52
N LEU A 140 -13.48 7.15 -9.21
CA LEU A 140 -14.91 7.21 -8.90
C LEU A 140 -15.07 6.64 -7.49
N SER A 141 -15.06 7.50 -6.48
CA SER A 141 -14.76 7.01 -5.13
C SER A 141 -15.27 7.99 -4.09
N GLY A 142 -14.77 7.91 -2.87
CA GLY A 142 -15.09 8.83 -1.80
C GLY A 142 -16.05 8.27 -0.77
N VAL A 143 -17.19 7.78 -1.21
CA VAL A 143 -18.28 7.39 -0.32
C VAL A 143 -17.83 6.30 0.63
N ASN A 144 -17.03 5.35 0.16
CA ASN A 144 -16.66 4.21 1.00
C ASN A 144 -15.81 4.65 2.18
N ASN A 145 -14.90 5.59 1.97
CA ASN A 145 -14.10 6.08 3.10
C ASN A 145 -15.01 6.64 4.16
N LEU A 146 -16.06 7.36 3.74
CA LEU A 146 -17.03 7.87 4.70
C LEU A 146 -17.79 6.74 5.37
N LEU A 147 -18.31 5.81 4.59
CA LEU A 147 -19.09 4.72 5.17
C LEU A 147 -18.24 3.88 6.12
N LEU A 148 -17.02 3.56 5.72
CA LEU A 148 -16.20 2.71 6.57
CA LEU A 148 -16.17 2.73 6.56
C LEU A 148 -15.79 3.45 7.84
N PHE A 149 -15.61 4.77 7.77
CA PHE A 149 -15.28 5.51 8.97
C PHE A 149 -16.37 5.34 10.02
N TYR A 150 -17.63 5.40 9.62
CA TYR A 150 -18.75 5.31 10.57
C TYR A 150 -19.02 3.88 11.01
N LEU A 151 -18.55 2.88 10.28
CA LEU A 151 -18.62 1.51 10.74
C LEU A 151 -17.46 1.13 11.65
N SER A 152 -16.40 1.91 11.67
CA SER A 152 -15.20 1.56 12.40
C SER A 152 -15.37 1.92 13.86
N ARG A 153 -14.87 1.07 14.72
CA ARG A 153 -14.79 1.41 16.13
C ARG A 153 -13.44 2.05 16.46
N ASP A 154 -12.42 1.82 15.64
CA ASP A 154 -11.08 2.33 15.85
C ASP A 154 -10.56 2.90 14.54
N TYR A 155 -9.59 3.80 14.63
CA TYR A 155 -9.11 4.53 13.48
C TYR A 155 -7.72 5.08 13.73
N ALA A 156 -6.88 4.99 12.71
CA ALA A 156 -5.58 5.65 12.65
C ALA A 156 -5.61 6.69 11.53
N MLY A 157 -5.53 7.96 11.88
CA MLY A 157 -5.73 9.03 10.94
CB MLY A 157 -5.68 10.33 11.73
CG MLY A 157 -4.54 10.53 12.62
CD MLY A 157 -3.94 11.89 12.64
CE MLY A 157 -4.73 13.12 12.76
NZ MLY A 157 -4.42 14.08 11.69
CH1 MLY A 157 -5.62 14.82 11.29
CH2 MLY A 157 -3.50 15.04 12.32
C MLY A 157 -4.72 9.00 9.81
O MLY A 157 -5.03 9.42 8.68
H MLY A 157 -5.35 8.22 12.68
HA MLY A 157 -6.60 8.95 10.49
HB2 MLY A 157 -6.49 10.40 12.26
HB3 MLY A 157 -5.66 11.07 11.09
HG2 MLY A 157 -3.84 9.90 12.37
HG3 MLY A 157 -4.84 10.33 13.53
HD2 MLY A 157 -3.45 11.98 11.81
HD3 MLY A 157 -3.32 11.90 13.38
HE2 MLY A 157 -4.55 13.53 13.62
HE3 MLY A 157 -5.68 12.90 12.70
HH11 MLY A 157 -6.33 14.15 10.81
HH12 MLY A 157 -5.35 15.61 10.59
HH13 MLY A 157 -6.09 15.27 12.17
HH21 MLY A 157 -3.24 15.81 11.60
HH22 MLY A 157 -2.60 14.51 12.65
HH23 MLY A 157 -3.98 15.51 13.18
N ASP A 158 -3.50 8.58 10.12
CA ASP A 158 -2.43 8.56 9.11
C ASP A 158 -2.59 7.40 8.12
N TYR A 159 -3.33 6.39 8.51
CA TYR A 159 -3.46 5.19 7.68
C TYR A 159 -4.88 4.94 7.20
N GLY A 160 -5.87 5.12 8.07
CA GLY A 160 -7.23 4.90 7.70
C GLY A 160 -7.73 3.61 8.30
N SER A 161 -8.55 2.91 7.51
CA SER A 161 -9.11 1.62 7.90
C SER A 161 -9.81 1.06 6.65
N PHE A 162 -10.42 -0.11 6.81
CA PHE A 162 -11.09 -0.80 5.71
C PHE A 162 -12.16 -1.74 6.29
N PHE A 163 -12.91 -2.38 5.41
CA PHE A 163 -13.89 -3.39 5.84
C PHE A 163 -13.14 -4.61 6.37
N GLU A 202 -1.35 0.26 27.21
CA GLU A 202 -0.19 0.43 26.31
C GLU A 202 -0.59 1.20 25.05
N PRO A 203 0.23 2.18 24.64
CA PRO A 203 -0.16 3.06 23.53
C PRO A 203 -0.36 2.30 22.21
N GLU A 204 -1.13 2.92 21.32
CA GLU A 204 -1.49 2.32 20.05
C GLU A 204 -1.46 3.38 18.95
N ILE A 205 -1.36 2.91 17.71
CA ILE A 205 -1.54 3.78 16.54
C ILE A 205 -3.02 3.84 16.16
N VAL A 206 -3.72 2.73 16.27
CA VAL A 206 -5.12 2.65 15.94
C VAL A 206 -5.88 3.03 17.20
N LEU A 207 -6.53 4.20 17.18
CA LEU A 207 -7.15 4.71 18.38
C LEU A 207 -8.67 4.54 18.31
N PRO A 208 -9.31 4.23 19.42
CA PRO A 208 -10.78 4.14 19.41
C PRO A 208 -11.43 5.49 19.13
N ILE A 209 -12.54 5.45 18.40
CA ILE A 209 -13.31 6.64 18.07
C ILE A 209 -14.27 6.92 19.21
N VAL A 210 -14.27 8.19 19.68
CA VAL A 210 -15.20 8.57 20.76
C VAL A 210 -16.48 9.18 20.19
N ASP A 211 -16.37 9.94 19.11
CA ASP A 211 -17.54 10.55 18.47
C ASP A 211 -17.27 10.67 16.99
N HIS A 212 -18.01 9.90 16.17
CA HIS A 212 -17.74 9.88 14.74
C HIS A 212 -18.00 11.24 14.14
N ASP A 213 -19.15 11.83 14.42
CA ASP A 213 -19.46 13.15 13.89
C ASP A 213 -18.41 14.19 14.29
N ALA A 214 -17.85 14.09 15.50
CA ALA A 214 -16.85 15.09 15.91
C ALA A 214 -15.45 14.80 15.37
N GLN A 215 -15.17 13.57 14.94
CA GLN A 215 -13.83 13.23 14.48
C GLN A 215 -13.82 12.98 12.97
N MLY A 216 -14.92 13.26 12.33
CA MLY A 216 -15.12 12.89 10.93
CB MLY A 216 -16.58 13.22 10.61
CG MLY A 216 -17.02 14.23 9.69
CD MLY A 216 -18.01 15.22 10.11
CE MLY A 216 -19.36 14.84 9.97
NZ MLY A 216 -20.29 15.91 10.19
CH1 MLY A 216 -20.72 16.51 8.90
CH2 MLY A 216 -21.49 15.30 10.80
C MLY A 216 -14.18 13.62 9.98
O MLY A 216 -13.81 13.13 8.92
H MLY A 216 -15.60 13.66 12.67
HA MLY A 216 -14.92 11.95 10.78
HB2 MLY A 216 -17.00 13.45 11.46
HB3 MLY A 216 -16.98 12.39 10.28
HG2 MLY A 216 -17.40 13.78 8.92
HG3 MLY A 216 -16.24 14.73 9.41
HD2 MLY A 216 -17.88 16.02 9.58
HD3 MLY A 216 -17.86 15.42 11.04
HE2 MLY A 216 -19.55 14.14 10.61
HE3 MLY A 216 -19.50 14.50 9.08
HH11 MLY A 216 -21.08 17.52 9.08
HH12 MLY A 216 -21.51 15.91 8.46
HH13 MLY A 216 -19.87 16.53 8.22
HH21 MLY A 216 -22.30 16.03 10.82
HH22 MLY A 216 -21.27 14.99 11.82
HH23 MLY A 216 -21.79 14.43 10.21
N THR A 217 -13.58 14.74 10.39
CA THR A 217 -12.62 15.39 9.52
C THR A 217 -11.29 14.59 9.44
N ASP A 218 -11.05 13.74 10.44
CA ASP A 218 -9.90 12.84 10.38
C ASP A 218 -9.92 11.99 9.11
N LEU A 219 -11.09 11.67 8.59
CA LEU A 219 -11.10 10.74 7.46
C LEU A 219 -10.68 11.48 6.20
N LEU A 220 -10.75 12.82 6.21
CA LEU A 220 -10.30 13.58 5.04
C LEU A 220 -8.81 13.43 4.81
N HIS A 221 -8.03 13.27 5.89
CA HIS A 221 -6.57 13.21 5.75
C HIS A 221 -6.17 12.10 4.80
N ALA A 222 -6.76 10.92 4.95
CA ALA A 222 -6.37 9.80 4.11
C ALA A 222 -6.70 10.08 2.65
N ILE A 223 -7.84 10.74 2.41
CA ILE A 223 -8.23 11.06 1.04
C ILE A 223 -7.24 12.06 0.44
N GLU A 224 -6.98 13.15 1.15
CA GLU A 224 -6.06 14.17 0.68
C GLU A 224 -4.65 13.61 0.49
N ARG A 225 -4.20 12.78 1.43
CA ARG A 225 -2.88 12.17 1.32
C ARG A 225 -2.81 11.24 0.12
N ASP A 226 -3.81 10.38 -0.06
CA ASP A 226 -3.82 9.50 -1.23
C ASP A 226 -3.90 10.29 -2.54
N LEU A 227 -4.75 11.33 -2.58
CA LEU A 227 -4.84 12.15 -3.79
C LEU A 227 -3.51 12.78 -4.13
N SER A 228 -2.73 13.19 -3.13
CA SER A 228 -1.42 13.77 -3.39
C SER A 228 -0.48 12.74 -3.99
N THR A 229 -0.65 11.47 -3.64
CA THR A 229 0.15 10.41 -4.25
C THR A 229 -0.30 10.13 -5.67
N TRP A 230 -1.60 10.12 -5.91
CA TRP A 230 -2.13 10.08 -7.27
C TRP A 230 -1.59 11.25 -8.14
N MLY A 231 -1.60 12.44 -7.58
CA MLY A 231 -1.11 13.64 -8.26
CB MLY A 231 -1.23 14.89 -7.41
CG MLY A 231 -2.03 16.04 -7.89
CD MLY A 231 -1.48 16.51 -9.13
CE MLY A 231 -2.40 16.98 -10.17
NZ MLY A 231 -1.79 17.52 -11.37
CH1 MLY A 231 -2.84 17.70 -12.41
CH2 MLY A 231 -1.37 18.86 -10.95
C MLY A 231 0.35 13.50 -8.63
O MLY A 231 0.81 13.55 -9.79
H MLY A 231 -1.88 12.59 -6.78
HA MLY A 231 -1.67 13.74 -9.06
HB2 MLY A 231 -0.34 15.23 -7.27
HB3 MLY A 231 -1.63 14.63 -6.57
HG2 MLY A 231 -2.00 16.75 -7.24
HG3 MLY A 231 -2.95 15.76 -8.03
HD2 MLY A 231 -0.98 15.79 -9.53
HD3 MLY A 231 -0.90 17.25 -8.93
HE2 MLY A 231 -2.95 17.69 -9.79
HE3 MLY A 231 -2.96 16.24 -10.44
HH11 MLY A 231 -2.38 18.08 -13.32
HH12 MLY A 231 -3.58 18.41 -12.04
HH13 MLY A 231 -3.32 16.74 -12.60
HH21 MLY A 231 -1.35 19.53 -11.82
HH22 MLY A 231 -0.37 18.81 -10.50
HH23 MLY A 231 -2.08 19.25 -10.21
N LEU A 232 1.07 12.83 -7.75
CA LEU A 232 2.49 12.56 -7.94
C LEU A 232 2.67 11.46 -9.00
N LEU A 233 1.80 10.43 -8.97
CA LEU A 233 1.88 9.38 -9.96
C LEU A 233 1.48 9.91 -11.34
N SER A 234 0.48 10.77 -11.38
CA SER A 234 0.03 11.33 -12.65
C SER A 234 1.16 12.05 -13.37
N GLY A 235 2.03 12.73 -12.62
CA GLY A 235 3.18 13.38 -13.25
C GLY A 235 4.24 12.39 -13.70
N ALA A 236 4.54 11.39 -12.86
CA ALA A 236 5.65 10.47 -13.15
C ALA A 236 5.30 9.51 -14.26
N LEU A 237 4.08 9.01 -14.29
CA LEU A 237 3.59 8.16 -15.36
C LEU A 237 2.91 8.96 -16.47
N GLN A 238 2.77 10.26 -16.32
CA GLN A 238 2.23 11.15 -17.34
C GLN A 238 0.87 10.67 -17.83
N PHE A 239 -0.08 10.60 -16.90
CA PHE A 239 -1.47 10.41 -17.22
C PHE A 239 -2.28 11.56 -16.61
N GLU A 240 -3.40 11.86 -17.25
CA GLU A 240 -4.35 12.82 -16.69
C GLU A 240 -5.08 12.17 -15.52
N LEU A 241 -5.49 12.98 -14.58
CA LEU A 241 -6.13 12.52 -13.36
C LEU A 241 -7.42 13.30 -13.18
N CYS A 242 -8.45 12.61 -12.68
CA CYS A 242 -9.73 13.25 -12.43
C CYS A 242 -10.44 12.49 -11.32
N TYR A 243 -11.13 13.24 -10.45
CA TYR A 243 -11.84 12.69 -9.31
C TYR A 243 -13.32 12.89 -9.49
N VAL A 244 -14.09 11.83 -9.24
CA VAL A 244 -15.54 11.85 -9.33
C VAL A 244 -16.10 11.26 -8.04
N LEU A 245 -16.86 12.06 -7.30
CA LEU A 245 -17.60 11.55 -6.16
C LEU A 245 -18.67 10.59 -6.63
N GLN A 246 -18.57 9.33 -6.20
CA GLN A 246 -19.49 8.30 -6.66
C GLN A 246 -20.91 8.58 -6.17
N PRO A 247 -21.92 8.16 -6.94
CA PRO A 247 -23.30 8.44 -6.54
C PRO A 247 -23.72 7.62 -5.35
N LEU A 248 -24.68 8.14 -4.62
CA LEU A 248 -25.32 7.48 -3.48
C LEU A 248 -26.79 7.84 -3.55
N ALA A 249 -27.66 6.84 -3.43
CA ALA A 249 -29.06 7.07 -3.74
C ALA A 249 -29.62 8.20 -2.88
N GLY A 250 -29.28 8.21 -1.58
CA GLY A 250 -29.83 9.24 -0.69
C GLY A 250 -29.38 10.63 -1.04
N TRP A 251 -28.30 10.76 -1.81
CA TRP A 251 -27.75 12.04 -2.19
C TRP A 251 -28.20 12.50 -3.57
N VAL A 252 -29.01 11.71 -4.26
CA VAL A 252 -29.53 12.06 -5.59
C VAL A 252 -31.00 12.40 -5.44
N ARG A 253 -31.37 13.59 -5.86
CA ARG A 253 -32.76 14.00 -5.90
C ARG A 253 -33.42 13.34 -7.11
N LYS A 254 -34.37 12.46 -6.85
CA LYS A 254 -34.98 11.69 -7.92
C LYS A 254 -36.24 11.00 -7.42
N MLY A 255 -37.36 11.23 -8.09
CA MLY A 255 -38.59 10.54 -7.72
CB MLY A 255 -39.81 11.05 -8.43
CG MLY A 255 -40.22 12.46 -8.24
CD MLY A 255 -41.65 12.76 -8.43
CE MLY A 255 -42.21 14.07 -8.06
NZ MLY A 255 -43.49 14.09 -7.32
CH1 MLY A 255 -44.52 13.69 -8.28
CH2 MLY A 255 -43.48 13.12 -6.20
C MLY A 255 -38.33 9.06 -8.00
O MLY A 255 -37.62 8.74 -9.00
H MLY A 255 -37.43 11.78 -8.75
HA MLY A 255 -38.82 10.69 -6.78
HB2 MLY A 255 -40.55 10.51 -8.14
HB3 MLY A 255 -39.67 10.93 -9.38
HG2 MLY A 255 -39.74 13.00 -8.89
HG3 MLY A 255 -39.99 12.74 -7.34
HD2 MLY A 255 -42.14 12.10 -7.91
HD3 MLY A 255 -41.85 12.64 -9.37
HE2 MLY A 255 -42.35 14.58 -8.87
HE3 MLY A 255 -41.56 14.53 -7.50
HH11 MLY A 255 -45.51 13.77 -7.82
HH12 MLY A 255 -44.35 12.65 -8.58
HH13 MLY A 255 -44.47 14.33 -9.16
HH21 MLY A 255 -44.24 13.40 -5.47
HH22 MLY A 255 -42.49 13.13 -5.72
HH23 MLY A 255 -43.69 12.13 -6.59
N PRO A 256 -38.55 8.22 -6.98
CA PRO A 256 -38.17 6.81 -7.10
C PRO A 256 -38.96 6.09 -8.18
N SER A 257 -38.35 5.07 -8.80
CA SER A 257 -39.08 4.13 -9.63
C SER A 257 -39.87 3.18 -8.76
N PRO A 258 -40.88 2.52 -9.31
CA PRO A 258 -41.61 1.56 -8.47
C PRO A 258 -40.72 0.41 -8.01
N GLU A 259 -39.81 -0.07 -8.87
CA GLU A 259 -38.85 -1.09 -8.45
C GLU A 259 -38.04 -0.61 -7.24
N GLU A 260 -37.51 0.59 -7.33
CA GLU A 260 -36.70 1.13 -6.25
C GLU A 260 -37.49 1.21 -4.95
N THR A 261 -38.77 1.57 -5.03
CA THR A 261 -39.57 1.68 -3.82
C THR A 261 -39.69 0.35 -3.12
N ARG A 262 -39.98 -0.72 -3.87
CA ARG A 262 -40.03 -2.05 -3.27
C ARG A 262 -38.65 -2.47 -2.72
N LEU A 263 -37.60 -2.27 -3.50
CA LEU A 263 -36.28 -2.75 -3.10
C LEU A 263 -35.78 -2.05 -1.85
N PHE A 264 -36.00 -0.74 -1.75
CA PHE A 264 -35.52 0.02 -0.60
C PHE A 264 -36.26 -0.37 0.67
N ALA A 265 -37.50 -0.84 0.55
CA ALA A 265 -38.21 -1.35 1.70
C ALA A 265 -37.66 -2.72 2.08
N ASP A 266 -37.18 -2.84 3.33
CA ASP A 266 -36.62 -4.11 3.80
C ASP A 266 -36.42 -4.07 5.32
N ARG A 276 -27.86 -0.97 10.74
CA ARG A 276 -27.39 0.11 9.86
C ARG A 276 -28.39 1.22 9.64
N GLN A 277 -28.34 2.17 10.58
CA GLN A 277 -28.79 3.52 10.29
C GLN A 277 -27.79 4.36 9.54
N ILE A 278 -26.54 3.93 9.45
CA ILE A 278 -25.53 4.80 8.86
C ILE A 278 -26.08 5.47 7.60
N LEU A 279 -26.83 4.72 6.80
CA LEU A 279 -27.46 5.32 5.64
C LEU A 279 -28.63 6.23 6.04
N ARG A 280 -29.38 5.84 7.08
CA ARG A 280 -30.57 6.60 7.46
C ARG A 280 -30.22 7.98 8.00
N GLU A 281 -29.39 8.07 9.04
CA GLU A 281 -29.09 9.40 9.58
C GLU A 281 -27.67 9.91 9.40
N MLY A 282 -26.67 9.04 9.38
CA MLY A 282 -25.31 9.58 9.29
CB MLY A 282 -24.26 8.59 9.72
CG MLY A 282 -24.29 8.03 11.05
CD MLY A 282 -24.36 9.05 12.06
CE MLY A 282 -24.84 8.68 13.37
NZ MLY A 282 -24.55 9.61 14.46
CH1 MLY A 282 -25.55 10.70 14.53
CH2 MLY A 282 -24.68 8.80 15.67
C MLY A 282 -24.96 10.11 7.88
O MLY A 282 -24.09 10.97 7.75
H MLY A 282 -26.74 8.19 9.43
HA MLY A 282 -25.28 10.34 9.92
HB2 MLY A 282 -23.39 9.03 9.63
HB3 MLY A 282 -24.29 7.83 9.11
HG2 MLY A 282 -23.49 7.50 11.20
HG3 MLY A 282 -25.08 7.46 11.13
HD2 MLY A 282 -24.96 9.75 11.73
HD3 MLY A 282 -23.47 9.42 12.18
HE2 MLY A 282 -24.46 7.84 13.61
HE3 MLY A 282 -25.81 8.60 13.32
HH11 MLY A 282 -25.27 11.40 15.32
HH12 MLY A 282 -26.53 10.29 14.75
HH13 MLY A 282 -25.58 11.23 13.58
HH21 MLY A 282 -24.69 9.44 16.54
HH22 MLY A 282 -23.84 8.10 15.74
HH23 MLY A 282 -25.62 8.24 15.63
N MET A 283 -25.63 9.62 6.85
CA MET A 283 -25.40 10.04 5.50
C MET A 283 -26.52 10.94 4.98
N ASP A 284 -26.95 11.89 5.82
CA ASP A 284 -28.04 12.78 5.46
C ASP A 284 -27.52 13.85 4.50
N LEU A 285 -28.39 14.81 4.16
CA LEU A 285 -28.00 15.84 3.20
C LEU A 285 -26.97 16.79 3.78
N ALA A 286 -27.01 17.02 5.09
CA ALA A 286 -25.94 17.78 5.73
C ALA A 286 -24.60 17.08 5.54
N GLN A 287 -24.57 15.77 5.66
CA GLN A 287 -23.33 15.03 5.46
C GLN A 287 -22.87 15.13 4.03
N TYR A 288 -23.80 15.01 3.09
CA TYR A 288 -23.48 15.17 1.67
C TYR A 288 -22.90 16.56 1.40
N ALA A 289 -23.50 17.59 1.97
CA ALA A 289 -22.99 18.94 1.78
C ALA A 289 -21.56 19.07 2.29
N TRP A 290 -21.31 18.67 3.52
CA TRP A 290 -19.96 18.73 4.05
C TRP A 290 -18.99 17.92 3.20
N PHE A 291 -19.36 16.67 2.90
CA PHE A 291 -18.40 15.79 2.21
C PHE A 291 -18.06 16.30 0.83
N SER A 292 -19.07 16.56 0.03
CA SER A 292 -18.88 17.10 -1.33
C SER A 292 -18.02 18.34 -1.37
N MLY A 293 -18.35 19.30 -0.52
CA MLY A 293 -17.57 20.53 -0.43
CB MLY A 293 -18.24 21.55 0.45
CG MLY A 293 -19.59 22.02 0.13
CD MLY A 293 -20.12 23.09 0.97
CE MLY A 293 -21.54 23.12 1.31
NZ MLY A 293 -22.35 23.82 0.32
CH1 MLY A 293 -23.76 23.39 0.49
CH2 MLY A 293 -22.30 25.24 0.71
C MLY A 293 -16.15 20.27 0.04
O MLY A 293 -15.22 20.83 -0.49
H MLY A 293 -19.02 19.27 0.02
HA MLY A 293 -17.52 20.91 -1.34
HB2 MLY A 293 -17.67 22.34 0.47
HB3 MLY A 293 -18.29 21.17 1.34
HG2 MLY A 293 -20.20 21.28 0.19
HG3 MLY A 293 -19.58 22.36 -0.79
HD2 MLY A 293 -19.92 23.94 0.54
HD3 MLY A 293 -19.64 23.05 1.82
HE2 MLY A 293 -21.65 23.57 2.15
HE3 MLY A 293 -21.87 22.22 1.37
HH11 MLY A 293 -24.40 23.98 -0.17
HH12 MLY A 293 -24.07 23.53 1.52
HH13 MLY A 293 -23.84 22.34 0.22
HH21 MLY A 293 -23.17 25.76 0.32
HH22 MLY A 293 -21.39 25.70 0.29
HH23 MLY A 293 -22.27 25.33 1.80
N SER A 294 -15.97 19.36 0.99
CA SER A 294 -14.63 19.02 1.48
C SER A 294 -13.76 18.40 0.38
N LEU A 295 -14.34 17.52 -0.43
CA LEU A 295 -13.58 16.91 -1.53
C LEU A 295 -13.28 17.93 -2.61
N ALA A 296 -14.25 18.80 -2.92
CA ALA A 296 -14.00 19.87 -3.87
C ALA A 296 -12.82 20.73 -3.44
N ASP A 297 -12.74 21.05 -2.14
CA ASP A 297 -11.63 21.88 -1.64
C ASP A 297 -10.29 21.18 -1.79
N ILE A 298 -10.25 19.89 -1.48
CA ILE A 298 -9.02 19.12 -1.62
C ILE A 298 -8.59 19.12 -3.08
N CYS A 299 -9.54 18.83 -3.98
CA CYS A 299 -9.20 18.73 -5.40
C CYS A 299 -8.80 20.06 -6.00
N ARG A 300 -9.43 21.15 -5.55
CA ARG A 300 -9.00 22.47 -6.04
C ARG A 300 -7.58 22.80 -5.57
N THR A 301 -7.28 22.53 -4.31
CA THR A 301 -5.94 22.77 -3.80
C THR A 301 -4.87 22.04 -4.60
N GLN A 302 -5.12 20.78 -4.94
CA GLN A 302 -4.19 19.99 -5.72
C GLN A 302 -4.38 20.12 -7.22
N GLU A 303 -5.24 21.04 -7.65
CA GLU A 303 -5.48 21.28 -9.06
C GLU A 303 -5.88 19.99 -9.76
N ILE A 304 -6.77 19.24 -9.12
CA ILE A 304 -7.31 18.01 -9.66
C ILE A 304 -8.78 18.30 -10.11
N PRO A 305 -9.10 18.05 -11.36
CA PRO A 305 -10.52 18.28 -11.75
C PRO A 305 -11.44 17.35 -10.98
N PHE A 306 -12.55 17.90 -10.52
CA PHE A 306 -13.48 17.23 -9.65
C PHE A 306 -14.89 17.31 -10.22
N LEU A 307 -15.64 16.24 -10.08
CA LEU A 307 -17.02 16.14 -10.54
C LEU A 307 -17.87 15.40 -9.52
N ASP A 308 -18.89 16.09 -8.99
CA ASP A 308 -19.81 15.49 -8.03
C ASP A 308 -20.93 14.80 -8.81
N MET A 309 -20.85 13.49 -8.90
CA MET A 309 -21.83 12.75 -9.71
C MET A 309 -23.22 12.81 -9.10
N ASN A 310 -23.32 12.98 -7.79
CA ASN A 310 -24.64 13.08 -7.18
C ASN A 310 -25.37 14.31 -7.70
N ALA A 311 -24.67 15.44 -7.80
CA ALA A 311 -25.30 16.64 -8.32
C ALA A 311 -25.58 16.49 -9.80
N THR A 312 -24.66 15.88 -10.54
CA THR A 312 -24.90 15.69 -11.97
C THR A 312 -26.19 14.91 -12.20
N LEU A 313 -26.41 13.84 -11.42
CA LEU A 313 -27.61 13.03 -11.62
C LEU A 313 -28.86 13.72 -11.11
N SER A 314 -28.74 14.57 -10.08
CA SER A 314 -29.90 15.32 -9.62
C SER A 314 -30.38 16.29 -10.69
N ALA A 315 -29.45 16.85 -11.46
CA ALA A 315 -29.81 17.84 -12.48
C ALA A 315 -30.46 17.20 -13.69
N LEU A 316 -30.21 15.93 -13.96
CA LEU A 316 -30.86 15.25 -15.09
C LEU A 316 -32.32 14.93 -14.76
N ASP A 317 -33.08 14.62 -15.79
CA ASP A 317 -34.46 14.16 -15.66
C ASP A 317 -34.45 12.64 -15.57
N LEU A 318 -34.38 12.13 -14.33
CA LEU A 318 -34.40 10.68 -14.11
C LEU A 318 -35.61 10.24 -13.29
N ASP A 319 -36.61 11.10 -13.15
CA ASP A 319 -37.76 10.78 -12.31
C ASP A 319 -38.45 9.51 -12.79
N GLY A 320 -38.72 8.61 -11.84
CA GLY A 320 -39.36 7.34 -12.13
C GLY A 320 -38.46 6.30 -12.76
N ARG A 321 -37.26 6.65 -13.15
CA ARG A 321 -36.37 5.74 -13.85
C ARG A 321 -35.63 4.85 -12.87
N TRP A 322 -35.38 3.61 -13.27
CA TRP A 322 -34.85 2.60 -12.37
C TRP A 322 -33.32 2.64 -12.44
N ILE A 323 -32.72 3.36 -11.51
CA ILE A 323 -31.30 3.63 -11.51
C ILE A 323 -30.56 2.79 -10.50
N PHE A 324 -31.19 2.42 -9.40
CA PHE A 324 -30.53 1.89 -8.23
C PHE A 324 -31.02 0.48 -7.96
N VAL A 325 -30.06 -0.44 -7.85
CA VAL A 325 -30.35 -1.79 -7.39
C VAL A 325 -30.56 -1.80 -5.88
N ASP A 326 -29.81 -0.96 -5.18
CA ASP A 326 -29.99 -0.74 -3.76
C ASP A 326 -29.48 0.68 -3.50
N ARG A 327 -29.19 1.00 -2.23
CA ARG A 327 -28.79 2.37 -1.93
C ARG A 327 -27.41 2.74 -2.47
N VAL A 328 -26.63 1.78 -2.93
CA VAL A 328 -25.26 2.10 -3.37
C VAL A 328 -24.94 1.52 -4.74
N HIS A 329 -25.76 0.63 -5.25
CA HIS A 329 -25.44 -0.08 -6.49
C HIS A 329 -26.40 0.31 -7.61
N LEU A 330 -25.85 0.41 -8.82
CA LEU A 330 -26.59 0.86 -9.99
C LEU A 330 -27.06 -0.30 -10.83
N THR A 331 -28.19 -0.09 -11.49
CA THR A 331 -28.67 -0.98 -12.52
C THR A 331 -27.88 -0.77 -13.79
N ASP A 332 -28.14 -1.61 -14.79
CA ASP A 332 -27.62 -1.38 -16.13
C ASP A 332 -27.99 0.02 -16.63
N GLU A 333 -29.28 0.38 -16.52
CA GLU A 333 -29.71 1.72 -16.91
C GLU A 333 -28.87 2.78 -16.19
N GLY A 334 -28.69 2.60 -14.89
CA GLY A 334 -27.89 3.55 -14.13
C GLY A 334 -26.47 3.70 -14.64
N ASN A 335 -25.89 2.61 -15.13
CA ASN A 335 -24.54 2.69 -15.66
C ASN A 335 -24.49 3.47 -16.96
N GLU A 336 -25.50 3.31 -17.82
CA GLU A 336 -25.58 4.12 -19.02
C GLU A 336 -25.73 5.59 -18.68
N VAL A 337 -26.64 5.91 -17.76
CA VAL A 337 -26.79 7.32 -17.38
C VAL A 337 -25.46 7.84 -16.83
N LEU A 338 -24.84 7.06 -15.95
CA LEU A 338 -23.56 7.50 -15.37
C LEU A 338 -22.49 7.67 -16.43
N THR A 339 -22.45 6.75 -17.40
CA THR A 339 -21.43 6.84 -18.43
C THR A 339 -21.61 8.11 -19.23
N GLN A 340 -22.82 8.33 -19.73
CA GLN A 340 -23.13 9.57 -20.45
C GLN A 340 -22.75 10.78 -19.63
N ALA A 341 -23.15 10.80 -18.36
CA ALA A 341 -22.77 11.92 -17.50
C ALA A 341 -21.25 12.06 -17.40
N LEU A 342 -20.53 10.95 -17.25
CA LEU A 342 -19.07 11.01 -17.18
C LEU A 342 -18.50 11.61 -18.44
N VAL A 343 -18.96 11.15 -19.61
CA VAL A 343 -18.41 11.66 -20.87
C VAL A 343 -18.76 13.12 -21.06
N GLU A 344 -20.02 13.49 -20.88
CA GLU A 344 -20.44 14.88 -21.07
C GLU A 344 -19.79 15.77 -20.03
N GLY A 345 -19.64 15.29 -18.81
CA GLY A 345 -18.96 16.05 -17.76
C GLY A 345 -17.47 16.22 -17.97
N GLY A 346 -16.90 15.54 -18.95
CA GLY A 346 -15.47 15.66 -19.20
C GLY A 346 -14.59 14.93 -18.21
N ALA A 347 -15.10 13.89 -17.57
CA ALA A 347 -14.36 13.10 -16.61
C ALA A 347 -13.74 11.85 -17.21
N THR A 348 -13.95 11.59 -18.49
CA THR A 348 -13.36 10.46 -19.17
C THR A 348 -12.27 10.90 -20.16
N GLU B 9 22.74 -15.44 31.16
CA GLU B 9 22.60 -15.86 29.77
C GLU B 9 23.46 -14.98 28.85
N THR B 10 23.89 -15.57 27.72
CA THR B 10 24.89 -14.92 26.89
C THR B 10 24.37 -13.62 26.31
N ARG B 11 23.16 -13.66 25.73
CA ARG B 11 22.58 -12.45 25.15
C ARG B 11 22.47 -11.35 26.19
N ASP B 12 22.06 -11.68 27.41
CA ASP B 12 21.97 -10.66 28.45
C ASP B 12 23.36 -10.22 28.89
N GLU B 13 24.33 -11.13 28.91
CA GLU B 13 25.68 -10.77 29.31
C GLU B 13 26.35 -9.83 28.31
N LEU B 14 26.39 -10.23 27.04
CA LEU B 14 27.16 -9.52 26.03
C LEU B 14 26.41 -8.40 25.36
N THR B 15 25.11 -8.55 25.16
CA THR B 15 24.28 -7.54 24.48
C THR B 15 23.07 -7.21 25.35
N PRO B 16 23.30 -6.66 26.55
CA PRO B 16 22.17 -6.36 27.43
C PRO B 16 21.14 -5.44 26.81
N GLN B 17 21.54 -4.60 25.85
CA GLN B 17 20.58 -3.70 25.21
C GLN B 17 19.43 -4.44 24.56
N MET B 18 19.61 -5.73 24.26
CA MET B 18 18.60 -6.48 23.50
C MET B 18 17.33 -6.68 24.32
N MLY B 19 17.48 -6.73 25.65
CA MLY B 19 16.29 -6.88 26.51
CB MLY B 19 16.60 -6.95 28.00
CG MLY B 19 17.04 -8.21 28.60
CD MLY B 19 16.68 -8.47 30.02
CE MLY B 19 17.83 -8.25 30.92
NZ MLY B 19 17.67 -7.48 32.17
CH1 MLY B 19 18.96 -7.51 32.90
CH2 MLY B 19 17.51 -6.10 31.70
C MLY B 19 15.34 -5.69 26.29
O MLY B 19 14.14 -5.83 26.12
H MLY B 19 18.23 -6.67 26.07
HA MLY B 19 15.88 -7.73 26.27
HB2 MLY B 19 15.79 -6.69 28.47
HB3 MLY B 19 17.30 -6.31 28.18
HG2 MLY B 19 18.01 -8.24 28.55
HG3 MLY B 19 16.67 -8.94 28.09
HD2 MLY B 19 16.40 -9.40 30.11
HD3 MLY B 19 15.96 -7.89 30.29
HE2 MLY B 19 18.50 -7.78 30.41
HE3 MLY B 19 18.16 -9.12 31.19
HH11 MLY B 19 18.86 -6.99 33.84
HH12 MLY B 19 19.72 -7.02 32.29
HH13 MLY B 19 19.24 -8.54 33.08
HH21 MLY B 19 18.04 -5.42 32.37
HH22 MLY B 19 16.45 -5.84 31.69
HH23 MLY B 19 17.92 -6.00 30.69
N GLU B 20 15.87 -4.57 25.82
CA GLU B 20 15.04 -3.37 25.64
C GLU B 20 14.36 -3.36 24.25
N TYR B 21 15.00 -3.95 23.24
CA TYR B 21 14.34 -4.09 21.95
C TYR B 21 13.24 -5.12 22.01
N ASP B 22 13.34 -6.08 22.95
CA ASP B 22 12.22 -7.00 23.19
C ASP B 22 11.02 -6.29 23.76
N ARG B 23 11.22 -5.27 24.59
CA ARG B 23 10.14 -4.55 25.25
C ARG B 23 9.62 -3.39 24.41
N ALA B 24 10.33 -2.98 23.37
CA ALA B 24 9.93 -1.80 22.61
C ALA B 24 8.51 -1.95 22.08
N GLY B 25 8.19 -3.10 21.49
CA GLY B 25 6.79 -3.42 21.24
C GLY B 25 6.36 -3.06 19.81
N ARG B 26 5.44 -3.88 19.27
CA ARG B 26 4.78 -3.60 18.01
C ARG B 26 3.28 -3.43 18.21
N VAL B 27 2.68 -2.76 17.25
CA VAL B 27 1.23 -2.53 17.24
C VAL B 27 0.75 -2.80 15.83
N TRP B 28 -0.51 -3.22 15.72
CA TRP B 28 -1.12 -3.48 14.42
CA TRP B 28 -1.10 -3.49 14.42
C TRP B 28 -1.46 -2.16 13.76
N VAL B 29 -1.24 -2.07 12.46
CA VAL B 29 -1.51 -0.88 11.68
C VAL B 29 -2.16 -1.34 10.38
N PRO B 30 -3.26 -0.74 9.94
CA PRO B 30 -3.87 -1.16 8.67
C PRO B 30 -2.93 -0.98 7.51
N TYR B 31 -3.00 -1.91 6.57
CA TYR B 31 -2.20 -1.88 5.35
C TYR B 31 -0.76 -2.20 5.66
N LEU B 32 -0.09 -1.42 6.50
CA LEU B 32 1.25 -1.77 6.91
C LEU B 32 1.27 -3.09 7.68
N ASN B 33 0.19 -3.42 8.35
CA ASN B 33 0.05 -4.56 9.24
C ASN B 33 0.69 -4.35 10.59
N TYR B 34 1.90 -3.77 10.66
CA TYR B 34 2.48 -3.47 11.96
C TYR B 34 3.51 -2.39 11.85
N PHE B 35 3.72 -1.72 12.96
CA PHE B 35 4.81 -0.75 13.13
C PHE B 35 5.23 -0.80 14.60
N HIS B 36 6.08 0.13 15.00
CA HIS B 36 6.55 0.18 16.37
C HIS B 36 5.53 0.91 17.25
N ARG B 37 5.44 0.46 18.46
CA ARG B 37 4.63 1.15 19.44
C ARG B 37 5.12 2.58 19.59
N PRO B 38 4.23 3.57 19.53
CA PRO B 38 4.67 4.97 19.60
C PRO B 38 4.98 5.40 21.03
N ASN B 39 5.76 6.46 21.13
CA ASN B 39 6.03 7.16 22.37
C ASN B 39 6.83 6.32 23.33
N HIS B 40 7.49 5.26 22.84
CA HIS B 40 8.27 4.44 23.74
C HIS B 40 9.43 5.26 24.28
N ARG B 41 9.70 5.10 25.58
CA ARG B 41 10.80 5.78 26.27
C ARG B 41 11.70 4.79 26.97
N SER B 42 12.99 4.85 26.67
CA SER B 42 13.99 4.05 27.38
C SER B 42 15.37 4.60 27.03
N PRO B 43 16.38 4.29 27.85
CA PRO B 43 17.73 4.77 27.53
C PRO B 43 18.29 4.19 26.26
N VAL B 44 17.77 3.05 25.78
CA VAL B 44 18.30 2.41 24.58
C VAL B 44 17.54 2.84 23.33
N VAL B 45 16.21 2.92 23.41
CA VAL B 45 15.40 3.15 22.24
C VAL B 45 14.22 4.06 22.58
N ASN B 46 13.98 5.05 21.70
CA ASN B 46 12.86 5.97 21.86
C ASN B 46 12.15 6.13 20.52
N THR B 47 10.81 6.14 20.57
CA THR B 47 9.99 6.29 19.37
C THR B 47 9.05 7.46 19.58
N ASP B 48 8.73 8.15 18.48
CA ASP B 48 7.89 9.33 18.53
C ASP B 48 6.42 8.90 18.42
N SER B 49 5.55 9.86 18.16
CA SER B 49 4.13 9.59 18.26
C SER B 49 3.63 8.73 17.14
N ARG B 50 4.41 8.60 16.06
CA ARG B 50 4.06 7.75 14.92
C ARG B 50 4.82 6.43 14.91
N GLY B 51 5.70 6.21 15.87
CA GLY B 51 6.45 4.97 15.95
C GLY B 51 7.85 5.05 15.38
N PHE B 52 8.25 6.20 14.87
CA PHE B 52 9.57 6.35 14.28
C PHE B 52 10.61 6.56 15.37
N ARG B 53 11.79 6.00 15.14
CA ARG B 53 12.84 6.12 16.12
C ARG B 53 13.41 7.54 16.11
N PHE B 54 13.80 8.01 17.30
CA PHE B 54 14.50 9.28 17.41
C PHE B 54 15.86 9.19 16.71
N VAL B 55 16.28 10.32 16.15
CA VAL B 55 17.61 10.50 15.59
C VAL B 55 18.34 11.54 16.44
N VAL B 56 19.62 11.30 16.69
CA VAL B 56 20.45 12.21 17.48
C VAL B 56 21.52 12.78 16.57
N GLY B 57 21.53 14.11 16.41
CA GLY B 57 22.57 14.80 15.66
C GLY B 57 23.73 15.23 16.55
N MLY B 58 24.32 16.40 16.27
CA MLY B 58 25.46 16.82 17.09
CB MLY B 58 26.35 17.82 16.38
CG MLY B 58 26.84 17.39 15.05
CD MLY B 58 26.12 17.84 13.83
CE MLY B 58 26.77 17.75 12.50
NZ MLY B 58 27.94 18.65 12.36
CH1 MLY B 58 29.20 18.05 12.82
CH2 MLY B 58 28.09 18.98 10.93
C MLY B 58 25.03 17.38 18.45
O MLY B 58 23.91 17.87 18.58
H MLY B 58 24.09 16.94 15.66
HA MLY B 58 26.01 16.01 17.25
HB2 MLY B 58 27.13 17.99 16.94
HB3 MLY B 58 25.84 18.64 16.26
HG2 MLY B 58 26.83 16.43 15.04
HG3 MLY B 58 27.75 17.71 14.97
HD2 MLY B 58 25.89 18.79 13.96
HD3 MLY B 58 25.30 17.33 13.77
HE2 MLY B 58 26.13 17.98 11.81
HE3 MLY B 58 27.08 16.84 12.37
HH11 MLY B 58 29.71 18.73 13.51
HH12 MLY B 58 29.85 17.85 11.96
HH13 MLY B 58 29.00 17.11 13.34
HH21 MLY B 58 29.01 19.54 10.78
HH22 MLY B 58 27.24 19.57 10.61
HH23 MLY B 58 28.13 18.06 10.36
N ASP B 59 25.88 17.11 19.43
CA ASP B 59 25.71 17.57 20.80
C ASP B 59 24.35 17.22 21.41
N GLY B 60 23.88 15.99 21.15
CA GLY B 60 22.68 15.49 21.78
C GLY B 60 21.38 16.06 21.26
N ARG B 61 21.43 16.84 20.17
CA ARG B 61 20.21 17.40 19.62
C ARG B 61 19.37 16.29 18.98
N THR B 62 18.15 16.14 19.46
CA THR B 62 17.27 15.04 19.07
C THR B 62 16.21 15.52 18.09
N PHE B 63 15.94 14.69 17.08
CA PHE B 63 14.99 15.01 16.02
C PHE B 63 13.96 13.91 15.92
N SER B 64 12.70 14.31 15.86
CA SER B 64 11.58 13.39 15.78
C SER B 64 10.35 14.15 15.31
N GLU B 65 9.25 13.41 15.16
CA GLU B 65 7.96 14.01 14.76
C GLU B 65 8.04 14.72 13.40
N PHE B 66 8.93 14.28 12.52
CA PHE B 66 9.15 14.90 11.21
C PHE B 66 9.51 16.37 11.31
N GLU B 67 10.07 16.81 12.44
CA GLU B 67 10.43 18.21 12.62
C GLU B 67 11.50 18.61 11.61
N ARG B 68 11.29 19.76 10.98
CA ARG B 68 12.19 20.25 9.94
C ARG B 68 12.17 21.77 9.91
N GLU B 69 13.31 22.39 10.07
CA GLU B 69 13.44 23.83 10.05
C GLU B 69 13.89 24.33 8.68
N PRO B 70 13.70 25.62 8.38
CA PRO B 70 14.08 26.14 7.06
C PRO B 70 15.57 26.01 6.82
N GLY B 71 15.92 25.82 5.55
CA GLY B 71 17.31 25.67 5.17
C GLY B 71 17.94 24.35 5.55
N GLU B 72 17.23 23.46 6.25
CA GLU B 72 17.78 22.17 6.64
C GLU B 72 17.83 21.23 5.45
N ARG B 73 18.95 20.53 5.31
CA ARG B 73 19.09 19.49 4.30
C ARG B 73 18.75 18.15 4.94
N VAL B 74 17.80 17.43 4.34
CA VAL B 74 17.27 16.20 4.92
C VAL B 74 17.38 15.06 3.91
N ARG B 75 17.82 13.90 4.41
CA ARG B 75 17.89 12.67 3.64
C ARG B 75 17.22 11.58 4.44
N ALA B 76 16.89 10.47 3.77
CA ALA B 76 16.10 9.41 4.38
C ALA B 76 16.78 8.06 4.18
N LEU B 77 17.01 7.36 5.27
CA LEU B 77 17.49 6.00 5.28
C LEU B 77 16.29 5.10 5.51
N VAL B 78 16.01 4.23 4.57
CA VAL B 78 14.81 3.41 4.56
C VAL B 78 15.23 1.95 4.62
N GLY B 79 14.58 1.17 5.47
CA GLY B 79 14.92 -0.23 5.55
C GLY B 79 14.19 -0.94 6.67
N GLY B 80 14.78 -2.05 7.09
CA GLY B 80 14.27 -2.87 8.16
C GLY B 80 14.95 -2.57 9.49
N SER B 81 15.27 -3.63 10.22
CA SER B 81 15.82 -3.53 11.56
C SER B 81 17.24 -3.01 11.56
N THR B 82 17.99 -3.24 10.48
CA THR B 82 19.32 -2.66 10.38
C THR B 82 19.26 -1.14 10.35
N VAL B 83 18.26 -0.58 9.70
CA VAL B 83 18.08 0.85 9.68
C VAL B 83 17.54 1.33 11.01
N PHE B 84 16.53 0.63 11.54
CA PHE B 84 15.99 1.01 12.86
C PHE B 84 17.10 1.01 13.90
N GLY B 85 18.02 0.08 13.81
CA GLY B 85 19.13 0.00 14.71
C GLY B 85 18.92 -0.97 15.83
N VAL B 86 18.37 -2.13 15.55
CA VAL B 86 18.27 -3.18 16.55
C VAL B 86 19.68 -3.66 16.85
N GLY B 87 20.04 -3.65 18.12
CA GLY B 87 21.38 -3.99 18.56
C GLY B 87 22.22 -2.80 18.97
N ALA B 88 21.83 -1.59 18.58
CA ALA B 88 22.50 -0.39 19.05
C ALA B 88 22.23 -0.16 20.54
N THR B 89 23.21 0.42 21.22
CA THR B 89 23.05 0.72 22.63
C THR B 89 22.27 2.01 22.88
N GLY B 90 21.98 2.78 21.85
CA GLY B 90 21.24 4.03 22.00
C GLY B 90 20.84 4.55 20.65
N ASP B 91 19.86 5.44 20.65
CA ASP B 91 19.48 6.15 19.44
C ASP B 91 20.67 6.80 18.74
N ALA B 92 21.59 7.36 19.52
CA ALA B 92 22.75 8.05 18.95
C ALA B 92 23.72 7.14 18.23
N ALA B 93 23.62 5.82 18.39
CA ALA B 93 24.56 4.86 17.83
C ALA B 93 24.04 4.22 16.56
N THR B 94 22.88 4.65 16.06
CA THR B 94 22.27 4.06 14.87
C THR B 94 22.77 4.73 13.61
N LEU B 95 22.51 4.09 12.46
CA LEU B 95 22.99 4.63 11.19
C LEU B 95 22.47 6.04 10.94
N PRO B 96 21.18 6.32 11.03
CA PRO B 96 20.73 7.70 10.74
C PRO B 96 21.41 8.71 11.63
N SER B 97 21.62 8.37 12.90
CA SER B 97 22.33 9.27 13.80
C SER B 97 23.77 9.42 13.36
N LEU B 98 24.46 8.31 13.11
CA LEU B 98 25.86 8.41 12.70
C LEU B 98 25.98 9.19 11.39
N LEU B 99 25.10 8.93 10.44
CA LEU B 99 25.13 9.69 9.19
C LEU B 99 24.85 11.18 9.45
N SER B 100 23.87 11.47 10.30
CA SER B 100 23.55 12.87 10.60
C SER B 100 24.72 13.56 11.28
N GLN B 101 25.45 12.85 12.15
CA GLN B 101 26.56 13.44 12.87
C GLN B 101 27.73 13.79 11.97
N ARG B 102 27.86 13.13 10.82
CA ARG B 102 28.98 13.39 9.92
C ARG B 102 28.62 14.38 8.83
N GLY B 103 27.80 13.96 7.87
CA GLY B 103 27.58 14.71 6.64
C GLY B 103 26.88 16.01 6.88
N PRO B 104 26.81 16.85 5.83
CA PRO B 104 26.06 18.10 5.94
C PRO B 104 24.60 17.88 6.28
N ALA B 105 23.97 16.90 5.66
CA ALA B 105 22.53 16.69 5.77
C ALA B 105 22.17 15.81 6.95
N ARG B 106 20.99 16.02 7.49
CA ARG B 106 20.43 15.17 8.51
C ARG B 106 19.64 14.03 7.86
N TRP B 107 19.58 12.89 8.55
CA TRP B 107 18.97 11.68 8.03
C TRP B 107 17.77 11.29 8.88
N LEU B 108 16.69 10.91 8.21
CA LEU B 108 15.51 10.36 8.88
C LEU B 108 15.68 8.86 9.03
N ASN B 109 15.15 8.33 10.11
CA ASN B 109 15.13 6.91 10.37
C ASN B 109 13.79 6.37 9.92
N PHE B 110 13.75 5.96 8.66
CA PHE B 110 12.62 5.22 8.09
C PHE B 110 12.91 3.73 8.11
N GLY B 111 13.51 3.26 9.21
CA GLY B 111 13.62 1.82 9.42
C GLY B 111 12.38 1.28 10.11
N GLY B 112 11.87 0.18 9.59
CA GLY B 112 10.76 -0.53 10.18
C GLY B 112 11.18 -1.92 10.55
N ARG B 113 11.15 -2.23 11.85
CA ARG B 113 11.56 -3.55 12.30
C ARG B 113 10.84 -4.63 11.51
N ALA B 114 11.62 -5.56 10.97
CA ALA B 114 11.11 -6.72 10.25
C ALA B 114 10.33 -6.36 8.97
N PHE B 115 10.52 -5.19 8.40
CA PHE B 115 9.78 -4.82 7.20
C PHE B 115 10.29 -5.54 5.98
N SER B 116 9.37 -5.95 5.14
CA SER B 116 9.63 -6.34 3.76
C SER B 116 9.85 -5.09 2.92
N SER B 117 10.21 -5.30 1.65
CA SER B 117 10.38 -4.16 0.75
C SER B 117 9.06 -3.40 0.58
N THR B 118 7.94 -4.10 0.53
CA THR B 118 6.66 -3.46 0.27
C THR B 118 6.24 -2.60 1.47
N GLN B 119 6.51 -3.03 2.68
CA GLN B 119 6.23 -2.20 3.83
C GLN B 119 7.14 -0.99 3.87
N GLU B 120 8.39 -1.13 3.44
CA GLU B 120 9.26 0.02 3.37
C GLU B 120 8.67 1.08 2.46
N LEU B 121 8.22 0.66 1.27
CA LEU B 121 7.66 1.60 0.30
C LEU B 121 6.40 2.24 0.83
N MET B 122 5.52 1.43 1.46
CA MET B 122 4.25 1.96 1.93
C MET B 122 4.44 2.92 3.07
N LEU B 123 5.34 2.60 4.00
CA LEU B 123 5.63 3.53 5.09
C LEU B 123 6.02 4.87 4.53
N PHE B 124 6.85 4.88 3.48
CA PHE B 124 7.26 6.14 2.88
C PHE B 124 6.09 6.84 2.19
N LEU B 125 5.28 6.10 1.44
CA LEU B 125 4.14 6.73 0.76
C LEU B 125 3.14 7.30 1.76
N PHE B 126 2.96 6.66 2.92
CA PHE B 126 2.00 7.16 3.90
C PHE B 126 2.45 8.47 4.56
N HIS B 127 3.74 8.75 4.57
CA HIS B 127 4.26 9.90 5.29
C HIS B 127 5.08 10.86 4.44
N ALA B 128 5.28 10.56 3.18
CA ALA B 128 6.15 11.40 2.35
C ALA B 128 5.74 12.87 2.37
N ARG B 129 4.46 13.13 2.42
CA ARG B 129 3.98 14.50 2.33
C ARG B 129 4.25 15.29 3.59
N SER B 130 4.68 14.65 4.66
CA SER B 130 4.94 15.32 5.93
C SER B 130 6.46 15.59 6.09
N LEU B 131 7.30 15.13 5.16
CA LEU B 131 8.75 15.11 5.36
C LEU B 131 9.46 16.34 4.78
N GLY B 132 8.85 17.04 3.83
CA GLY B 132 9.54 18.10 3.12
C GLY B 132 10.32 17.52 1.95
N ALA B 133 11.26 18.32 1.46
CA ALA B 133 12.08 17.91 0.32
C ALA B 133 13.25 17.05 0.79
N LEU B 134 13.44 15.91 0.12
CA LEU B 134 14.54 15.00 0.42
C LEU B 134 15.55 15.07 -0.69
N GLU B 135 16.82 15.11 -0.33
CA GLU B 135 17.89 15.10 -1.34
C GLU B 135 18.16 13.69 -1.82
N MLY B 136 18.17 12.73 -0.88
CA MLY B 136 18.52 11.35 -1.21
CB MLY B 136 19.99 11.08 -1.06
CG MLY B 136 20.60 9.93 -1.78
CD MLY B 136 21.92 9.47 -1.35
CE MLY B 136 22.53 8.57 -2.35
NZ MLY B 136 23.13 9.10 -3.57
CH1 MLY B 136 24.37 9.83 -3.28
CH2 MLY B 136 23.49 7.94 -4.42
C MLY B 136 17.83 10.37 -0.30
O MLY B 136 17.30 10.76 0.76
H MLY B 136 18.00 12.86 -0.06
HA MLY B 136 18.25 11.23 -2.15
HB2 MLY B 136 20.16 10.92 -0.11
HB3 MLY B 136 20.47 11.87 -1.34
HG2 MLY B 136 20.67 10.17 -2.72
HG3 MLY B 136 20.00 9.17 -1.69
HD2 MLY B 136 21.84 8.99 -0.52
HD3 MLY B 136 22.50 10.23 -1.23
HE2 MLY B 136 21.85 7.95 -2.64
HE3 MLY B 136 23.24 8.08 -1.90
HH11 MLY B 136 24.89 10.05 -4.22
HH12 MLY B 136 25.02 9.22 -2.65
HH13 MLY B 136 24.13 10.76 -2.78
HH21 MLY B 136 24.11 8.27 -5.25
HH22 MLY B 136 22.58 7.48 -4.80
HH23 MLY B 136 24.04 7.21 -3.82
N VAL B 137 17.25 9.35 -0.92
CA VAL B 137 16.72 8.20 -0.22
C VAL B 137 17.69 7.07 -0.48
N THR B 138 18.24 6.49 0.58
CA THR B 138 19.06 5.30 0.48
C THR B 138 18.26 4.14 1.07
N LEU B 139 18.15 3.06 0.30
CA LEU B 139 17.43 1.85 0.70
C LEU B 139 18.45 0.80 1.17
N LEU B 140 18.30 0.34 2.39
CA LEU B 140 19.15 -0.67 3.00
C LEU B 140 18.24 -1.85 3.33
N SER B 141 18.19 -2.85 2.49
CA SER B 141 17.10 -3.81 2.43
C SER B 141 17.48 -5.10 1.72
N GLY B 142 16.46 -5.86 1.35
CA GLY B 142 16.64 -7.04 0.53
C GLY B 142 16.53 -8.34 1.31
N VAL B 143 17.26 -8.44 2.42
CA VAL B 143 17.37 -9.71 3.12
C VAL B 143 16.04 -10.17 3.69
N ASN B 144 15.20 -9.25 4.15
CA ASN B 144 13.96 -9.63 4.77
C ASN B 144 13.04 -10.32 3.79
N ASN B 145 12.99 -9.84 2.55
CA ASN B 145 12.10 -10.48 1.58
C ASN B 145 12.56 -11.91 1.34
N LEU B 146 13.87 -12.11 1.29
CA LEU B 146 14.39 -13.46 1.14
C LEU B 146 14.04 -14.31 2.36
N LEU B 147 14.22 -13.75 3.56
CA LEU B 147 13.97 -14.51 4.77
C LEU B 147 12.51 -14.88 4.91
N LEU B 148 11.62 -13.91 4.80
CA LEU B 148 10.22 -14.20 5.06
C LEU B 148 9.60 -15.02 3.95
N PHE B 149 10.19 -15.01 2.75
CA PHE B 149 9.75 -15.96 1.74
C PHE B 149 9.95 -17.38 2.22
N TYR B 150 11.13 -17.69 2.80
CA TYR B 150 11.40 -19.03 3.26
C TYR B 150 10.69 -19.38 4.54
N LEU B 151 10.19 -18.37 5.27
CA LEU B 151 9.35 -18.61 6.44
C LEU B 151 7.87 -18.72 6.09
N SER B 152 7.52 -18.59 4.82
CA SER B 152 6.14 -18.55 4.40
C SER B 152 5.69 -19.93 3.95
N ARG B 153 4.44 -20.25 4.24
CA ARG B 153 3.77 -21.42 3.71
C ARG B 153 3.00 -21.08 2.44
N ASP B 154 2.57 -19.82 2.30
CA ASP B 154 1.77 -19.35 1.18
C ASP B 154 2.37 -18.04 0.69
N TYR B 155 2.15 -17.75 -0.58
CA TYR B 155 2.81 -16.61 -1.19
C TYR B 155 2.02 -16.11 -2.41
N ALA B 156 1.85 -14.82 -2.51
CA ALA B 156 1.28 -14.16 -3.68
C ALA B 156 2.35 -13.38 -4.41
N MLY B 157 2.65 -13.82 -5.63
CA MLY B 157 3.78 -13.26 -6.40
CB MLY B 157 3.85 -13.84 -7.81
CG MLY B 157 5.11 -13.76 -8.57
CD MLY B 157 5.02 -14.02 -10.03
CE MLY B 157 6.23 -13.83 -10.85
NZ MLY B 157 6.24 -14.39 -12.20
CH1 MLY B 157 6.94 -13.51 -13.15
CH2 MLY B 157 7.04 -15.61 -12.05
C MLY B 157 3.65 -11.76 -6.59
O MLY B 157 4.59 -11.04 -6.38
H MLY B 157 2.22 -14.44 -6.05
HA MLY B 157 4.58 -13.48 -5.89
HB2 MLY B 157 3.18 -13.40 -8.34
HB3 MLY B 157 3.64 -14.79 -7.73
HG2 MLY B 157 5.73 -14.41 -8.21
HG3 MLY B 157 5.48 -12.87 -8.46
HD2 MLY B 157 4.34 -13.42 -10.40
HD3 MLY B 157 4.74 -14.93 -10.16
HE2 MLY B 157 6.98 -14.22 -10.37
HE3 MLY B 157 6.38 -12.87 -10.94
HH11 MLY B 157 7.03 -14.01 -14.11
HH12 MLY B 157 7.95 -13.29 -12.76
HH13 MLY B 157 6.40 -12.58 -13.26
HH21 MLY B 157 7.14 -16.11 -13.02
HH22 MLY B 157 6.57 -16.28 -11.34
HH23 MLY B 157 8.04 -15.36 -11.70
N ASP B 158 2.43 -11.28 -6.81
CA ASP B 158 2.21 -9.87 -7.16
C ASP B 158 2.29 -8.96 -5.95
N TYR B 159 1.97 -9.50 -4.79
CA TYR B 159 1.89 -8.71 -3.57
C TYR B 159 3.05 -8.96 -2.62
N GLY B 160 3.57 -10.19 -2.58
CA GLY B 160 4.63 -10.51 -1.66
C GLY B 160 4.01 -11.00 -0.36
N SER B 161 4.69 -10.72 0.74
CA SER B 161 4.26 -11.20 2.05
C SER B 161 5.04 -10.39 3.08
N PHE B 162 4.72 -10.63 4.36
CA PHE B 162 5.40 -10.02 5.48
C PHE B 162 5.45 -11.06 6.60
N PHE B 163 6.21 -10.75 7.65
CA PHE B 163 6.52 -11.77 8.65
C PHE B 163 5.27 -12.30 9.34
N ALA B 164 4.58 -11.44 10.10
CA ALA B 164 3.44 -11.90 10.89
C ALA B 164 2.19 -12.01 10.01
N THR B 165 2.26 -12.89 9.01
CA THR B 165 1.10 -13.27 8.24
C THR B 165 0.31 -14.41 8.91
N GLU B 166 0.42 -14.54 10.24
CA GLU B 166 -0.67 -15.04 11.04
C GLU B 166 -1.89 -14.15 10.89
N VAL B 167 -1.71 -12.94 10.35
CA VAL B 167 -2.81 -11.99 10.13
C VAL B 167 -3.90 -12.60 9.25
N ARG B 168 -3.55 -13.50 8.34
CA ARG B 168 -4.54 -14.14 7.49
C ARG B 168 -5.28 -15.22 8.27
N ARG B 169 -6.58 -15.03 8.48
CA ARG B 169 -7.45 -15.98 9.19
C ARG B 169 -8.84 -15.36 9.44
N GLU B 202 -12.78 -21.95 -3.60
CA GLU B 202 -11.49 -22.64 -3.51
C GLU B 202 -10.32 -21.84 -4.09
N PRO B 203 -10.51 -21.18 -5.25
CA PRO B 203 -9.39 -20.43 -5.85
C PRO B 203 -8.95 -19.28 -4.95
N GLU B 204 -7.65 -19.04 -4.92
CA GLU B 204 -7.04 -18.04 -4.07
C GLU B 204 -6.02 -17.25 -4.84
N ILE B 205 -5.63 -16.11 -4.29
CA ILE B 205 -4.50 -15.37 -4.83
C ILE B 205 -3.20 -15.78 -4.12
N VAL B 206 -3.25 -15.93 -2.80
CA VAL B 206 -2.10 -16.40 -2.03
C VAL B 206 -2.08 -17.92 -2.13
N LEU B 207 -1.04 -18.47 -2.80
CA LEU B 207 -0.97 -19.91 -3.09
C LEU B 207 0.05 -20.60 -2.19
N PRO B 208 -0.20 -21.84 -1.81
CA PRO B 208 0.83 -22.60 -1.09
C PRO B 208 2.07 -22.84 -1.91
N ILE B 209 3.22 -22.67 -1.28
CA ILE B 209 4.51 -22.96 -1.90
C ILE B 209 4.75 -24.46 -1.84
N VAL B 210 5.22 -25.03 -2.95
CA VAL B 210 5.47 -26.48 -3.00
C VAL B 210 6.95 -26.76 -2.83
N ASP B 211 7.81 -25.83 -3.26
CA ASP B 211 9.26 -26.00 -3.14
C ASP B 211 9.89 -24.62 -3.10
N HIS B 212 10.38 -24.22 -1.91
CA HIS B 212 10.89 -22.86 -1.77
C HIS B 212 12.05 -22.60 -2.71
N ASP B 213 12.97 -23.54 -2.82
CA ASP B 213 14.14 -23.33 -3.68
C ASP B 213 13.75 -23.28 -5.15
N ALA B 214 12.68 -23.96 -5.54
CA ALA B 214 12.29 -23.95 -6.95
C ALA B 214 11.45 -22.75 -7.32
N GLN B 215 10.92 -22.04 -6.36
CA GLN B 215 10.04 -20.91 -6.65
C GLN B 215 10.65 -19.58 -6.23
N MLY B 216 11.89 -19.64 -5.76
CA MLY B 216 12.66 -18.46 -5.35
CB MLY B 216 14.19 -18.69 -5.45
CG MLY B 216 14.86 -19.22 -4.30
CD MLY B 216 15.98 -20.10 -4.60
CE MLY B 216 17.27 -19.61 -5.11
NZ MLY B 216 18.26 -20.62 -5.55
CH1 MLY B 216 19.59 -19.99 -5.60
CH2 MLY B 216 18.32 -21.65 -4.50
C MLY B 216 12.35 -17.24 -6.17
O MLY B 216 12.33 -16.17 -5.61
H MLY B 216 12.33 -20.37 -5.65
HA MLY B 216 12.41 -18.31 -4.41
HB2 MLY B 216 14.61 -17.85 -5.66
HB3 MLY B 216 14.35 -19.31 -6.18
HG2 MLY B 216 14.22 -19.73 -3.77
HG3 MLY B 216 15.19 -18.48 -3.77
HD2 MLY B 216 15.66 -20.73 -5.26
HD3 MLY B 216 16.19 -20.57 -3.78
HE2 MLY B 216 17.70 -19.10 -4.41
HE3 MLY B 216 17.10 -19.03 -5.87
HH11 MLY B 216 20.33 -20.74 -5.88
HH12 MLY B 216 19.83 -19.60 -4.60
HH13 MLY B 216 19.58 -19.18 -6.32
HH21 MLY B 216 19.18 -22.28 -4.66
HH22 MLY B 216 17.41 -22.25 -4.52
HH23 MLY B 216 18.40 -21.15 -3.53
N THR B 217 12.58 -17.36 -7.46
CA THR B 217 12.40 -16.29 -8.43
C THR B 217 11.19 -15.42 -8.18
N ASP B 218 10.13 -16.01 -7.68
CA ASP B 218 8.89 -15.25 -7.47
C ASP B 218 9.08 -14.10 -6.48
N LEU B 219 10.00 -14.25 -5.52
CA LEU B 219 10.15 -13.17 -4.53
C LEU B 219 10.85 -11.96 -5.13
N LEU B 220 11.59 -12.14 -6.22
CA LEU B 220 12.18 -11.01 -6.91
C LEU B 220 11.13 -10.06 -7.47
N HIS B 221 9.98 -10.59 -7.92
CA HIS B 221 9.00 -9.73 -8.56
C HIS B 221 8.60 -8.57 -7.67
N ALA B 222 8.35 -8.84 -6.39
CA ALA B 222 7.93 -7.77 -5.48
C ALA B 222 9.02 -6.72 -5.33
N ILE B 223 10.28 -7.15 -5.26
CA ILE B 223 11.39 -6.22 -5.11
C ILE B 223 11.50 -5.35 -6.36
N GLU B 224 11.47 -5.99 -7.53
CA GLU B 224 11.58 -5.27 -8.79
C GLU B 224 10.44 -4.28 -8.94
N ARG B 225 9.25 -4.70 -8.58
CA ARG B 225 8.10 -3.82 -8.67
C ARG B 225 8.23 -2.67 -7.67
N ASP B 226 8.62 -2.99 -6.44
CA ASP B 226 8.82 -1.94 -5.44
C ASP B 226 9.92 -0.96 -5.86
N LEU B 227 10.99 -1.46 -6.43
CA LEU B 227 12.04 -0.57 -6.91
C LEU B 227 11.53 0.33 -8.02
N SER B 228 10.75 -0.23 -8.95
CA SER B 228 10.19 0.61 -10.01
C SER B 228 9.42 1.76 -9.43
N THR B 229 8.66 1.53 -8.35
CA THR B 229 7.90 2.61 -7.75
C THR B 229 8.81 3.67 -7.12
N TRP B 230 9.84 3.24 -6.39
CA TRP B 230 10.81 4.14 -5.85
C TRP B 230 11.44 5.01 -6.93
N MLY B 231 11.64 4.43 -8.11
CA MLY B 231 12.25 5.15 -9.24
CB MLY B 231 12.48 4.27 -10.41
CG MLY B 231 13.30 4.85 -11.46
CD MLY B 231 14.77 4.85 -11.44
CE MLY B 231 15.41 6.11 -11.06
NZ MLY B 231 16.67 6.39 -11.75
CH1 MLY B 231 16.46 6.44 -13.20
CH2 MLY B 231 17.12 7.73 -11.34
C MLY B 231 11.31 6.27 -9.67
O MLY B 231 11.68 7.45 -9.68
H MLY B 231 11.44 3.62 -8.29
HA MLY B 231 13.12 5.50 -8.95
HB2 MLY B 231 11.63 4.04 -10.80
HB3 MLY B 231 12.93 3.46 -10.10
HG2 MLY B 231 13.05 5.78 -11.53
HG3 MLY B 231 13.06 4.39 -12.28
HD2 MLY B 231 15.09 4.62 -12.32
HD3 MLY B 231 15.07 4.18 -10.80
HE2 MLY B 231 15.59 6.09 -10.11
HE3 MLY B 231 14.79 6.84 -11.26
HH11 MLY B 231 17.18 7.12 -13.66
HH12 MLY B 231 15.45 6.79 -13.41
HH13 MLY B 231 16.58 5.44 -13.63
HH21 MLY B 231 18.06 7.96 -11.83
HH22 MLY B 231 17.27 7.74 -10.26
HH23 MLY B 231 16.37 8.46 -11.61
N LEU B 232 10.03 5.92 -9.78
CA LEU B 232 8.97 6.89 -10.06
C LEU B 232 8.95 8.05 -9.02
N LEU B 233 9.04 7.68 -7.73
CA LEU B 233 9.01 8.69 -6.68
C LEU B 233 10.29 9.52 -6.68
N SER B 234 11.41 8.90 -7.01
CA SER B 234 12.68 9.62 -7.06
C SER B 234 12.60 10.80 -8.01
N GLY B 235 12.08 10.59 -9.21
CA GLY B 235 11.94 11.68 -10.17
C GLY B 235 10.89 12.69 -9.79
N ALA B 236 9.76 12.22 -9.26
CA ALA B 236 8.66 13.12 -8.92
C ALA B 236 8.98 13.99 -7.72
N LEU B 237 9.62 13.42 -6.69
CA LEU B 237 10.03 14.16 -5.49
C LEU B 237 11.47 14.64 -5.57
N GLN B 238 12.17 14.36 -6.67
CA GLN B 238 13.49 14.94 -6.94
C GLN B 238 14.49 14.61 -5.82
N PHE B 239 14.63 13.32 -5.53
CA PHE B 239 15.70 12.85 -4.67
C PHE B 239 16.47 11.77 -5.41
N GLU B 240 17.76 11.65 -5.08
CA GLU B 240 18.57 10.58 -5.63
C GLU B 240 18.30 9.30 -4.88
N LEU B 241 18.33 8.18 -5.58
CA LEU B 241 17.96 6.89 -5.04
C LEU B 241 19.14 5.94 -5.09
N CYS B 242 19.38 5.23 -4.01
CA CYS B 242 20.42 4.22 -3.97
C CYS B 242 19.88 3.01 -3.24
N TYR B 243 20.10 1.83 -3.81
CA TYR B 243 19.73 0.56 -3.19
C TYR B 243 21.00 -0.08 -2.61
N VAL B 244 20.94 -0.46 -1.35
CA VAL B 244 22.02 -1.12 -0.68
C VAL B 244 21.54 -2.44 -0.09
N LEU B 245 22.14 -3.56 -0.53
CA LEU B 245 21.85 -4.86 0.06
C LEU B 245 22.39 -4.91 1.49
N GLN B 246 21.52 -5.17 2.46
CA GLN B 246 21.94 -5.10 3.83
C GLN B 246 22.88 -6.25 4.17
N PRO B 247 23.72 -6.06 5.18
CA PRO B 247 24.67 -7.12 5.57
C PRO B 247 24.00 -8.26 6.32
N LEU B 248 24.48 -9.48 6.04
CA LEU B 248 24.07 -10.68 6.76
C LEU B 248 25.34 -11.39 7.21
N ALA B 249 25.40 -11.76 8.49
CA ALA B 249 26.64 -12.31 9.05
C ALA B 249 27.21 -13.44 8.20
N GLY B 250 26.37 -14.43 7.84
CA GLY B 250 26.83 -15.55 7.03
C GLY B 250 27.34 -15.16 5.65
N TRP B 251 27.01 -13.98 5.18
CA TRP B 251 27.45 -13.52 3.87
C TRP B 251 28.68 -12.62 3.93
N VAL B 252 29.10 -12.18 5.10
CA VAL B 252 30.29 -11.34 5.23
C VAL B 252 31.46 -12.24 5.56
N ARG B 253 32.49 -12.18 4.74
CA ARG B 253 33.68 -13.03 4.89
C ARG B 253 34.53 -12.36 5.98
N LYS B 254 34.51 -12.94 7.17
CA LYS B 254 35.16 -12.38 8.34
C LYS B 254 35.37 -13.40 9.47
N MLY B 255 36.61 -13.52 9.90
CA MLY B 255 36.91 -14.39 11.04
CB MLY B 255 38.38 -14.61 11.29
CG MLY B 255 39.15 -15.42 10.31
CD MLY B 255 40.60 -15.70 10.53
CE MLY B 255 41.55 -15.04 9.66
NZ MLY B 255 42.33 -15.97 8.85
CH1 MLY B 255 41.64 -16.34 7.60
CH2 MLY B 255 43.60 -15.30 8.48
C MLY B 255 36.25 -13.76 12.23
O MLY B 255 36.07 -12.53 12.30
H MLY B 255 37.29 -13.12 9.56
HA MLY B 255 36.60 -15.30 10.85
HB2 MLY B 255 38.47 -15.07 12.15
HB3 MLY B 255 38.81 -13.74 11.34
HG2 MLY B 255 39.10 -14.95 9.46
HG3 MLY B 255 38.73 -16.28 10.24
HD2 MLY B 255 40.73 -16.66 10.43
HD3 MLY B 255 40.82 -15.44 11.44
HE2 MLY B 255 42.17 -14.52 10.20
HE3 MLY B 255 41.08 -14.44 9.05
HH11 MLY B 255 42.25 -17.04 7.03
HH12 MLY B 255 41.47 -15.44 7.00
HH13 MLY B 255 40.68 -16.79 7.83
HH21 MLY B 255 44.12 -15.90 7.74
HH22 MLY B 255 44.22 -15.20 9.38
HH23 MLY B 255 43.38 -14.32 8.08
N PRO B 256 35.31 -14.49 12.87
CA PRO B 256 34.50 -13.83 13.89
C PRO B 256 35.26 -13.46 15.15
N SER B 257 34.70 -12.49 15.91
CA SER B 257 35.25 -12.14 17.20
C SER B 257 34.81 -13.16 18.25
N PRO B 258 35.51 -13.25 19.36
CA PRO B 258 35.08 -14.18 20.41
C PRO B 258 33.64 -13.95 20.82
N GLU B 259 33.22 -12.70 20.92
CA GLU B 259 31.83 -12.39 21.26
C GLU B 259 30.87 -12.97 20.24
N GLU B 260 31.16 -12.78 18.94
CA GLU B 260 30.30 -13.31 17.89
C GLU B 260 30.18 -14.82 18.00
N THR B 261 31.31 -15.52 18.09
CA THR B 261 31.27 -16.97 18.19
C THR B 261 30.34 -17.41 19.32
N ARG B 262 30.47 -16.81 20.49
CA ARG B 262 29.61 -17.19 21.61
C ARG B 262 28.13 -16.83 21.35
N LEU B 263 27.86 -15.70 20.70
CA LEU B 263 26.48 -15.28 20.48
C LEU B 263 25.78 -16.20 19.48
N PHE B 264 26.48 -16.55 18.39
CA PHE B 264 25.88 -17.38 17.37
C PHE B 264 25.65 -18.81 17.86
N ALA B 265 26.44 -19.27 18.81
CA ALA B 265 26.22 -20.59 19.35
C ALA B 265 24.88 -20.74 20.06
N ASP B 266 24.20 -19.66 20.39
CA ASP B 266 22.95 -19.85 21.14
C ASP B 266 21.79 -19.66 20.18
N ARG B 276 17.94 -22.21 13.48
CA ARG B 276 16.82 -22.56 12.62
C ARG B 276 17.37 -22.82 11.24
N GLN B 277 16.76 -23.75 10.51
CA GLN B 277 17.53 -24.26 9.40
C GLN B 277 17.55 -23.32 8.23
N ILE B 278 16.69 -22.28 8.20
CA ILE B 278 16.78 -21.47 7.00
C ILE B 278 18.09 -20.67 7.05
N LEU B 279 18.37 -20.05 8.20
CA LEU B 279 19.41 -19.06 8.42
C LEU B 279 20.75 -19.70 8.68
N ARG B 280 21.00 -20.67 7.93
CA ARG B 280 21.76 -21.91 8.04
C ARG B 280 22.12 -22.71 6.90
N GLU B 281 21.07 -23.23 6.34
CA GLU B 281 21.13 -24.12 5.22
C GLU B 281 20.62 -23.38 3.99
N MLY B 282 19.50 -22.67 4.17
CA MLY B 282 18.89 -21.98 3.03
CB MLY B 282 17.45 -21.66 3.26
CG MLY B 282 16.54 -22.65 2.72
CD MLY B 282 16.40 -23.95 3.30
CE MLY B 282 15.83 -24.94 2.36
NZ MLY B 282 16.23 -26.33 2.56
CH1 MLY B 282 15.07 -27.24 2.47
CH2 MLY B 282 17.07 -26.56 1.39
C MLY B 282 19.60 -20.70 2.69
O MLY B 282 19.30 -20.06 1.69
H MLY B 282 19.09 -22.57 4.92
HA MLY B 282 18.95 -22.62 2.28
HB2 MLY B 282 17.25 -20.81 2.84
HB3 MLY B 282 17.28 -21.60 4.21
HG2 MLY B 282 16.81 -22.81 1.79
HG3 MLY B 282 15.66 -22.25 2.72
HD2 MLY B 282 15.80 -23.88 4.07
HD3 MLY B 282 17.26 -24.26 3.59
HE2 MLY B 282 16.09 -24.69 1.47
HE3 MLY B 282 14.87 -24.91 2.44
HH11 MLY B 282 15.42 -28.27 2.51
HH12 MLY B 282 14.53 -27.07 1.54
HH13 MLY B 282 14.39 -27.06 3.32
HH21 MLY B 282 17.56 -27.54 1.48
HH22 MLY B 282 17.83 -25.78 1.32
HH23 MLY B 282 16.45 -26.55 0.49
N MET B 283 20.37 -20.15 3.60
CA MET B 283 21.00 -18.88 3.36
C MET B 283 22.49 -19.04 3.16
N ASP B 284 22.90 -20.02 2.37
CA ASP B 284 24.31 -20.32 2.18
C ASP B 284 24.90 -19.38 1.14
N LEU B 285 26.17 -19.59 0.80
CA LEU B 285 26.86 -18.69 -0.10
C LEU B 285 26.31 -18.79 -1.55
N ALA B 286 25.78 -19.93 -1.94
CA ALA B 286 25.09 -20.00 -3.22
C ALA B 286 23.89 -19.05 -3.23
N GLN B 287 23.12 -19.07 -2.15
CA GLN B 287 21.99 -18.15 -2.00
C GLN B 287 22.43 -16.70 -2.13
N TYR B 288 23.48 -16.34 -1.42
CA TYR B 288 24.05 -15.00 -1.55
C TYR B 288 24.45 -14.70 -2.99
N ALA B 289 25.13 -15.64 -3.64
CA ALA B 289 25.52 -15.44 -5.02
C ALA B 289 24.33 -15.12 -5.89
N TRP B 290 23.27 -15.92 -5.79
CA TRP B 290 22.10 -15.72 -6.63
C TRP B 290 21.39 -14.41 -6.30
N PHE B 291 21.15 -14.17 -5.01
CA PHE B 291 20.38 -12.99 -4.62
C PHE B 291 21.09 -11.69 -4.99
N SER B 292 22.36 -11.59 -4.67
CA SER B 292 23.18 -10.41 -4.95
C SER B 292 23.20 -10.07 -6.42
N MLY B 293 23.48 -11.08 -7.23
CA MLY B 293 23.49 -10.95 -8.68
CB MLY B 293 23.81 -12.28 -9.30
CG MLY B 293 23.28 -12.46 -10.64
CD MLY B 293 23.96 -11.76 -11.72
CE MLY B 293 24.08 -12.51 -12.97
NZ MLY B 293 23.16 -12.22 -14.07
CH1 MLY B 293 23.89 -12.46 -15.34
CH2 MLY B 293 22.15 -13.29 -13.99
C MLY B 293 22.13 -10.50 -9.19
O MLY B 293 22.01 -9.59 -10.05
H MLY B 293 23.66 -11.88 -6.96
HA MLY B 293 24.16 -10.28 -8.93
HB2 MLY B 293 23.45 -12.98 -8.73
HB3 MLY B 293 24.78 -12.36 -9.35
HG2 MLY B 293 22.35 -12.16 -10.64
HG3 MLY B 293 23.30 -13.41 -10.85
HD2 MLY B 293 24.85 -11.54 -11.42
HD3 MLY B 293 23.47 -10.95 -11.92
HE2 MLY B 293 23.97 -13.45 -12.76
HE3 MLY B 293 24.97 -12.35 -13.31
HH11 MLY B 293 23.21 -12.90 -16.07
HH12 MLY B 293 24.72 -13.13 -15.17
HH13 MLY B 293 24.26 -11.51 -15.73
HH21 MLY B 293 21.46 -13.19 -14.84
HH22 MLY B 293 21.60 -13.19 -13.07
HH23 MLY B 293 22.64 -14.26 -14.03
N SER B 294 21.10 -11.10 -8.63
CA SER B 294 19.72 -10.83 -9.09
C SER B 294 19.29 -9.39 -8.80
N LEU B 295 19.67 -8.88 -7.63
CA LEU B 295 19.33 -7.50 -7.30
C LEU B 295 20.18 -6.53 -8.10
N ALA B 296 21.46 -6.87 -8.36
CA ALA B 296 22.29 -6.00 -9.18
C ALA B 296 21.72 -5.92 -10.58
N ASP B 297 21.12 -7.01 -11.08
CA ASP B 297 20.52 -6.98 -12.42
C ASP B 297 19.30 -6.07 -12.45
N ILE B 298 18.42 -6.21 -11.44
CA ILE B 298 17.25 -5.35 -11.34
C ILE B 298 17.68 -3.89 -11.34
N CYS B 299 18.61 -3.53 -10.46
CA CYS B 299 18.97 -2.14 -10.31
C CYS B 299 19.59 -1.58 -11.59
N ARG B 300 20.43 -2.38 -12.24
CA ARG B 300 21.06 -1.92 -13.47
C ARG B 300 20.03 -1.65 -14.56
N THR B 301 19.07 -2.57 -14.72
CA THR B 301 18.00 -2.38 -15.68
C THR B 301 17.24 -1.08 -15.43
N GLN B 302 17.05 -0.72 -14.16
CA GLN B 302 16.33 0.50 -13.80
C GLN B 302 17.24 1.68 -13.50
N GLU B 303 18.54 1.57 -13.78
CA GLU B 303 19.47 2.66 -13.55
C GLU B 303 19.38 3.17 -12.10
N ILE B 304 19.41 2.24 -11.17
CA ILE B 304 19.48 2.55 -9.75
C ILE B 304 20.88 2.20 -9.28
N PRO B 305 21.62 3.14 -8.70
CA PRO B 305 22.92 2.78 -8.08
C PRO B 305 22.72 1.65 -7.08
N PHE B 306 23.60 0.66 -7.16
CA PHE B 306 23.49 -0.54 -6.34
C PHE B 306 24.80 -0.77 -5.58
N LEU B 307 24.68 -1.19 -4.32
CA LEU B 307 25.87 -1.37 -3.51
C LEU B 307 25.59 -2.62 -2.68
N ASP B 308 26.48 -3.58 -2.69
CA ASP B 308 26.33 -4.81 -1.92
C ASP B 308 27.22 -4.70 -0.70
N MET B 309 26.60 -4.46 0.45
CA MET B 309 27.39 -4.21 1.67
C MET B 309 28.10 -5.47 2.16
N ASN B 310 27.57 -6.65 1.88
CA ASN B 310 28.31 -7.86 2.25
C ASN B 310 29.67 -7.92 1.57
N ALA B 311 29.73 -7.56 0.29
CA ALA B 311 30.99 -7.55 -0.42
C ALA B 311 31.86 -6.40 0.06
N THR B 312 31.24 -5.26 0.37
CA THR B 312 32.00 -4.12 0.85
C THR B 312 32.65 -4.42 2.20
N LEU B 313 31.91 -5.05 3.12
CA LEU B 313 32.47 -5.39 4.42
C LEU B 313 33.50 -6.51 4.33
N SER B 314 33.35 -7.43 3.37
CA SER B 314 34.38 -8.47 3.19
C SER B 314 35.71 -7.88 2.74
N ALA B 315 35.65 -6.82 1.91
CA ALA B 315 36.89 -6.22 1.40
C ALA B 315 37.64 -5.46 2.48
N LEU B 316 36.94 -4.91 3.48
CA LEU B 316 37.61 -4.28 4.60
C LEU B 316 38.26 -5.34 5.48
N ASP B 317 39.06 -4.86 6.45
CA ASP B 317 39.76 -5.86 7.22
C ASP B 317 38.94 -5.76 8.62
N LEU B 318 38.02 -6.68 8.89
CA LEU B 318 37.21 -6.70 10.10
C LEU B 318 37.47 -7.97 10.91
N ASP B 319 38.49 -8.74 10.56
CA ASP B 319 38.79 -9.96 11.29
C ASP B 319 38.89 -9.68 12.79
N GLY B 320 38.14 -10.43 13.58
CA GLY B 320 38.18 -10.32 15.01
C GLY B 320 37.42 -9.18 15.58
N ARG B 321 36.94 -8.24 14.76
CA ARG B 321 36.20 -7.09 15.24
C ARG B 321 34.75 -7.51 15.51
N TRP B 322 34.18 -6.94 16.56
CA TRP B 322 32.83 -7.33 17.00
C TRP B 322 31.83 -6.45 16.23
N ILE B 323 31.25 -7.02 15.16
CA ILE B 323 30.40 -6.27 14.26
C ILE B 323 28.94 -6.64 14.47
N PHE B 324 28.67 -7.90 14.82
CA PHE B 324 27.31 -8.43 14.89
C PHE B 324 26.93 -8.74 16.34
N VAL B 325 25.66 -8.46 16.69
CA VAL B 325 25.10 -8.98 17.94
C VAL B 325 24.36 -10.28 17.68
N ASP B 326 24.03 -10.56 16.44
CA ASP B 326 23.47 -11.84 16.02
C ASP B 326 23.64 -11.89 14.50
N ARG B 327 22.96 -12.85 13.85
CA ARG B 327 23.23 -13.04 12.42
C ARG B 327 22.71 -11.92 11.56
N VAL B 328 21.74 -11.13 12.04
CA VAL B 328 21.16 -10.05 11.25
C VAL B 328 21.51 -8.66 11.79
N HIS B 329 21.69 -8.52 13.08
CA HIS B 329 21.80 -7.22 13.72
C HIS B 329 23.24 -6.83 14.02
N LEU B 330 23.46 -5.52 14.15
CA LEU B 330 24.80 -4.97 14.25
C LEU B 330 25.02 -4.32 15.61
N THR B 331 26.27 -4.33 16.05
CA THR B 331 26.70 -3.57 17.23
C THR B 331 26.89 -2.08 16.88
N ASP B 332 27.13 -1.28 17.91
CA ASP B 332 27.57 0.10 17.70
C ASP B 332 28.75 0.17 16.73
N GLU B 333 29.79 -0.64 16.98
CA GLU B 333 30.92 -0.65 16.07
C GLU B 333 30.51 -1.08 14.67
N GLY B 334 29.61 -2.06 14.57
CA GLY B 334 29.08 -2.44 13.26
C GLY B 334 28.49 -1.26 12.50
N ASN B 335 27.65 -0.48 13.16
CA ASN B 335 27.08 0.71 12.54
C ASN B 335 28.14 1.73 12.18
N GLU B 336 29.14 1.90 13.01
CA GLU B 336 30.24 2.80 12.67
C GLU B 336 30.90 2.37 11.37
N VAL B 337 31.17 1.08 11.25
CA VAL B 337 31.85 0.57 10.06
C VAL B 337 30.92 0.65 8.87
N LEU B 338 29.65 0.34 9.08
CA LEU B 338 28.72 0.35 7.97
C LEU B 338 28.57 1.74 7.41
N THR B 339 28.42 2.71 8.32
CA THR B 339 28.32 4.10 7.95
C THR B 339 29.53 4.52 7.14
N GLN B 340 30.71 4.25 7.66
CA GLN B 340 31.94 4.53 6.93
C GLN B 340 31.85 3.98 5.52
N ALA B 341 31.45 2.73 5.38
CA ALA B 341 31.35 2.12 4.06
C ALA B 341 30.27 2.78 3.21
N LEU B 342 29.16 3.20 3.82
CA LEU B 342 28.12 3.91 3.07
C LEU B 342 28.65 5.22 2.49
N VAL B 343 29.13 6.11 3.36
CA VAL B 343 29.76 7.35 2.90
C VAL B 343 30.78 7.07 1.80
N GLU B 344 31.72 6.22 2.09
CA GLU B 344 32.72 5.77 1.12
C GLU B 344 32.26 5.18 -0.16
N GLY B 345 31.15 4.52 -0.13
CA GLY B 345 30.62 3.93 -1.32
C GLY B 345 29.72 4.84 -2.10
N GLY B 346 29.62 6.11 -1.72
CA GLY B 346 28.76 7.03 -2.43
C GLY B 346 27.29 6.79 -2.22
N ALA B 347 26.92 6.03 -1.20
CA ALA B 347 25.52 5.74 -0.90
C ALA B 347 24.91 6.74 0.07
N THR B 348 25.64 7.77 0.44
CA THR B 348 25.12 8.84 1.30
C THR B 348 25.09 10.19 0.57
S SO4 C . -20.43 -5.10 -2.33
O1 SO4 C . -19.49 -6.17 -2.41
O2 SO4 C . -20.47 -4.55 -0.99
O3 SO4 C . -20.05 -4.10 -3.29
O4 SO4 C . -21.75 -5.61 -2.68
S SO4 D . 13.57 -7.71 15.00
O1 SO4 D . 14.15 -9.01 14.73
O2 SO4 D . 13.88 -7.33 16.38
O3 SO4 D . 14.11 -6.75 14.10
O4 SO4 D . 12.13 -7.83 14.81
#